data_4U7B
#
_entry.id   4U7B
#
_cell.length_a   96.471
_cell.length_b   340.090
_cell.length_c   160.360
_cell.angle_alpha   90.000
_cell.angle_beta   90.000
_cell.angle_gamma   90.000
#
_symmetry.space_group_name_H-M   'C 2 2 21'
#
loop_
_entity.id
_entity.type
_entity.pdbx_description
1 polymer 'DNA (25-MER)'
2 polymer 'DNA (31-MER)'
3 polymer 'Mariner Mos1 transposase'
4 non-polymer 'SULFATE ION'
5 water water
#
loop_
_entity_poly.entity_id
_entity_poly.type
_entity_poly.pdbx_seq_one_letter_code
_entity_poly.pdbx_strand_id
1 'polydeoxyribonucleotide'
;(DG)(DG)(DT)(DG)(DT)(DA)(DC)(DA)(DA)(DG)(DT)(DA)(DT)(DG)(DA)(DA)(DA)(DT)(DG)(DT)
(DC)(DG)(DT)(DT)(DT)
;
C,E,H
2 'polydeoxyribonucleotide'
;(DA)(DA)(DA)(DC)(DG)(DA)(DC)(DA)(DT)(DT)(DT)(DC)(DA)(DT)(DA)(DC)(DT)(DT)(DG)(DT)
(DA)(DC)(DA)(DC)(DC)(DT)(DG)(DA)(DT)(DA)(DG)
;
D,F,I
3 'polypeptide(L)'
;FVPNKEQTRTVLIFCFHLKKTAAESHRMLVEAFGEQVPTVKTCERWFQRFKSGDFDVDDKEHGKPPKRYEDAELQALLDE
DDAQTQKQLAEQLEVSQQAVSNRLREMGKIQKVGRWVPHELNERQMERRKNTCEILLSRYKRKSFLHRIVTGDEKWIFFV
NPKRKKSYVDPGQPATSTARPNRFGKKTMLCVWWDQSGVIYYELLKPGETVNAARYQQQLINLNRALQRKRPEYQKRQHR
VIFLHANAPSHTARAVRDTLETLNWEVLPHAAYSPDLAPSDYHLFASMGHALAEQRFDSYESVKKWLDEWFAAKDDEFYW
RGIHKLPERWEKCVASDGKYFE
;
A,B,G
#
loop_
_chem_comp.id
_chem_comp.type
_chem_comp.name
_chem_comp.formula
DA DNA linking 2'-DEOXYADENOSINE-5'-MONOPHOSPHATE 'C10 H14 N5 O6 P'
DC DNA linking 2'-DEOXYCYTIDINE-5'-MONOPHOSPHATE 'C9 H14 N3 O7 P'
DG DNA linking 2'-DEOXYGUANOSINE-5'-MONOPHOSPHATE 'C10 H14 N5 O7 P'
DT DNA linking THYMIDINE-5'-MONOPHOSPHATE 'C10 H15 N2 O8 P'
SO4 non-polymer 'SULFATE ION' 'O4 S -2'
#
# COMPACT_ATOMS: atom_id res chain seq x y z
N PHE G 1 52.33 -47.59 18.90
CA PHE G 1 51.77 -46.95 17.67
C PHE G 1 50.81 -45.80 18.03
N VAL G 2 51.19 -45.00 19.02
CA VAL G 2 50.37 -43.86 19.48
C VAL G 2 51.08 -42.50 19.31
N PRO G 3 51.50 -42.17 18.07
CA PRO G 3 52.01 -40.83 17.81
C PRO G 3 50.88 -39.92 17.38
N ASN G 4 51.13 -38.61 17.39
CA ASN G 4 50.11 -37.61 17.03
C ASN G 4 50.67 -36.21 17.26
N LYS G 5 50.69 -35.41 16.19
CA LYS G 5 51.24 -34.04 16.21
C LYS G 5 50.99 -33.28 17.52
N GLU G 6 49.75 -33.33 18.00
CA GLU G 6 49.37 -32.68 19.25
C GLU G 6 50.02 -33.40 20.43
N GLN G 7 49.88 -34.72 20.45
CA GLN G 7 50.44 -35.56 21.51
C GLN G 7 51.97 -35.43 21.60
N THR G 8 52.63 -35.57 20.45
CA THR G 8 54.09 -35.43 20.36
C THR G 8 54.56 -34.11 20.95
N ARG G 9 53.91 -33.02 20.58
CA ARG G 9 54.27 -31.70 21.09
C ARG G 9 54.03 -31.60 22.58
N THR G 10 52.99 -32.29 23.07
CA THR G 10 52.75 -32.43 24.50
C THR G 10 53.91 -33.13 25.19
N VAL G 11 54.47 -34.18 24.57
CA VAL G 11 55.62 -34.88 25.13
C VAL G 11 56.84 -33.96 25.25
N LEU G 12 57.06 -33.10 24.27
CA LEU G 12 58.19 -32.17 24.34
C LEU G 12 58.01 -31.11 25.43
N ILE G 13 56.77 -30.78 25.79
CA ILE G 13 56.50 -29.91 26.94
C ILE G 13 56.99 -30.62 28.19
N PHE G 14 56.77 -31.93 28.23
CA PHE G 14 57.15 -32.77 29.36
C PHE G 14 58.67 -32.84 29.53
N CYS G 15 59.38 -33.28 28.50
CA CYS G 15 60.84 -33.34 28.53
C CYS G 15 61.44 -31.98 28.90
N PHE G 16 60.88 -30.91 28.33
CA PHE G 16 61.33 -29.55 28.63
C PHE G 16 61.16 -29.20 30.11
N HIS G 17 59.99 -29.48 30.68
CA HIS G 17 59.75 -29.26 32.11
C HIS G 17 60.57 -30.20 33.01
N LEU G 18 61.08 -31.29 32.43
CA LEU G 18 62.11 -32.12 33.08
C LEU G 18 63.52 -31.63 32.74
N LYS G 19 63.62 -30.36 32.35
CA LYS G 19 64.90 -29.69 32.03
C LYS G 19 65.92 -30.58 31.31
N LYS G 20 65.43 -31.47 30.43
CA LYS G 20 66.28 -32.26 29.54
C LYS G 20 66.66 -31.44 28.32
N THR G 21 67.57 -31.97 27.50
CA THR G 21 68.00 -31.25 26.30
C THR G 21 67.16 -31.66 25.10
N ALA G 22 67.18 -30.82 24.07
CA ALA G 22 66.42 -31.05 22.86
C ALA G 22 66.78 -32.40 22.22
N ALA G 23 68.07 -32.61 21.95
CA ALA G 23 68.54 -33.87 21.37
C ALA G 23 68.32 -35.07 22.28
N GLU G 24 68.23 -34.83 23.59
CA GLU G 24 67.84 -35.87 24.55
C GLU G 24 66.41 -36.32 24.29
N SER G 25 65.50 -35.35 24.35
CA SER G 25 64.08 -35.62 24.16
C SER G 25 63.85 -36.40 22.88
N HIS G 26 64.50 -35.96 21.79
CA HIS G 26 64.38 -36.63 20.50
C HIS G 26 64.72 -38.12 20.56
N ARG G 27 65.80 -38.46 21.26
CA ARG G 27 66.20 -39.87 21.40
C ARG G 27 65.15 -40.68 22.15
N MET G 28 64.66 -40.11 23.24
CA MET G 28 63.63 -40.77 24.04
C MET G 28 62.40 -40.97 23.17
N LEU G 29 62.11 -39.99 22.32
CA LEU G 29 60.93 -40.02 21.45
C LEU G 29 61.03 -41.21 20.50
N VAL G 30 62.13 -41.25 19.76
CA VAL G 30 62.38 -42.34 18.83
C VAL G 30 62.45 -43.68 19.56
N GLU G 31 62.94 -43.67 20.80
CA GLU G 31 62.96 -44.87 21.64
C GLU G 31 61.56 -45.34 22.01
N ALA G 32 60.67 -44.39 22.29
CA ALA G 32 59.33 -44.70 22.79
C ALA G 32 58.44 -45.31 21.72
N PHE G 33 58.18 -44.52 20.67
CA PHE G 33 57.14 -44.83 19.70
C PHE G 33 57.68 -45.55 18.48
N GLY G 34 58.79 -45.04 17.96
CA GLY G 34 59.44 -45.62 16.78
C GLY G 34 60.08 -44.57 15.90
N GLU G 35 60.53 -44.99 14.72
CA GLU G 35 61.20 -44.09 13.78
C GLU G 35 60.24 -43.04 13.20
N GLN G 36 58.95 -43.37 13.20
CA GLN G 36 57.90 -42.46 12.77
C GLN G 36 57.70 -41.39 13.84
N VAL G 37 58.61 -40.42 13.84
CA VAL G 37 58.63 -39.33 14.82
C VAL G 37 59.47 -38.18 14.24
N PRO G 38 59.15 -36.93 14.63
CA PRO G 38 59.83 -35.79 14.01
C PRO G 38 61.36 -35.81 14.17
N THR G 39 62.05 -35.04 13.33
CA THR G 39 63.51 -34.92 13.42
C THR G 39 63.90 -34.12 14.65
N VAL G 40 65.18 -34.18 15.02
CA VAL G 40 65.70 -33.36 16.10
C VAL G 40 65.49 -31.85 15.84
N LYS G 41 65.56 -31.45 14.58
CA LYS G 41 65.47 -30.04 14.23
C LYS G 41 64.15 -29.43 14.71
N THR G 42 63.06 -30.17 14.57
CA THR G 42 61.76 -29.72 15.04
C THR G 42 61.75 -29.56 16.57
N CYS G 43 62.29 -30.57 17.27
CA CYS G 43 62.43 -30.50 18.73
C CYS G 43 63.24 -29.28 19.16
N GLU G 44 64.31 -28.98 18.42
CA GLU G 44 65.10 -27.78 18.67
C GLU G 44 64.19 -26.56 18.57
N ARG G 45 63.34 -26.54 17.54
CA ARG G 45 62.38 -25.45 17.34
C ARG G 45 61.42 -25.36 18.51
N TRP G 46 60.60 -26.39 18.69
CA TRP G 46 59.55 -26.34 19.71
C TRP G 46 60.09 -25.88 21.08
N PHE G 47 61.32 -26.29 21.38
CA PHE G 47 62.01 -25.83 22.57
C PHE G 47 62.12 -24.31 22.57
N GLN G 48 62.59 -23.74 21.46
CA GLN G 48 62.69 -22.28 21.31
C GLN G 48 61.41 -21.56 21.75
N ARG G 49 60.26 -22.08 21.32
CA ARG G 49 58.97 -21.45 21.63
C ARG G 49 58.61 -21.60 23.12
N PHE G 50 59.10 -22.66 23.75
CA PHE G 50 58.87 -22.86 25.18
C PHE G 50 59.67 -21.88 26.03
N LYS G 51 60.71 -21.28 25.44
CA LYS G 51 61.51 -20.27 26.13
C LYS G 51 60.92 -18.87 26.04
N SER G 52 60.13 -18.62 24.99
CA SER G 52 59.37 -17.38 24.88
C SER G 52 58.21 -17.37 25.88
N GLY G 53 57.72 -18.55 26.22
CA GLY G 53 56.63 -18.71 27.17
C GLY G 53 55.47 -19.52 26.60
N ASP G 54 55.31 -19.49 25.27
CA ASP G 54 54.14 -20.07 24.62
C ASP G 54 54.21 -21.59 24.50
N PHE G 55 53.20 -22.26 25.07
CA PHE G 55 53.09 -23.70 25.05
C PHE G 55 51.88 -24.14 24.19
N ASP G 56 51.58 -23.38 23.14
CA ASP G 56 50.44 -23.70 22.29
C ASP G 56 50.73 -24.97 21.51
N VAL G 57 49.97 -26.02 21.83
CA VAL G 57 50.10 -27.32 21.17
C VAL G 57 49.65 -27.28 19.70
N ASP G 58 48.57 -26.57 19.42
CA ASP G 58 48.08 -26.43 18.04
C ASP G 58 48.97 -25.46 17.28
N ASP G 59 48.86 -25.48 15.95
CA ASP G 59 49.64 -24.56 15.11
C ASP G 59 49.11 -23.13 15.25
N LYS G 60 49.87 -22.19 14.71
CA LYS G 60 49.36 -20.84 14.48
C LYS G 60 48.61 -20.87 13.16
N GLU G 61 47.90 -19.79 12.85
CA GLU G 61 47.12 -19.73 11.62
C GLU G 61 48.04 -19.91 10.41
N HIS G 62 47.67 -20.83 9.53
CA HIS G 62 48.41 -21.08 8.28
C HIS G 62 48.20 -19.96 7.25
N GLY G 63 48.89 -20.08 6.13
CA GLY G 63 48.59 -19.27 4.97
C GLY G 63 47.19 -19.61 4.49
N LYS G 64 46.48 -18.61 3.98
CA LYS G 64 45.11 -18.78 3.51
C LYS G 64 44.88 -17.87 2.31
N PRO G 65 43.90 -18.22 1.44
CA PRO G 65 43.67 -17.42 0.24
C PRO G 65 43.06 -16.07 0.59
N PRO G 66 43.25 -15.07 -0.29
CA PRO G 66 42.76 -13.72 -0.02
C PRO G 66 41.25 -13.62 -0.24
N LYS G 67 40.59 -12.79 0.56
CA LYS G 67 39.14 -12.58 0.45
C LYS G 67 38.78 -11.83 -0.85
N ARG G 68 37.91 -12.44 -1.64
CA ARG G 68 37.51 -11.94 -2.95
C ARG G 68 36.69 -10.65 -2.81
N TYR G 69 35.87 -10.60 -1.76
CA TYR G 69 35.13 -9.39 -1.42
C TYR G 69 35.18 -9.16 0.08
N GLU G 70 34.51 -8.12 0.57
CA GLU G 70 34.55 -7.81 1.99
C GLU G 70 33.15 -7.87 2.59
N ASP G 71 33.09 -7.93 3.91
CA ASP G 71 31.82 -8.02 4.63
C ASP G 71 30.98 -6.75 4.54
N ALA G 72 31.62 -5.60 4.38
CA ALA G 72 30.89 -4.34 4.27
C ALA G 72 30.53 -4.03 2.81
N GLU G 73 31.21 -4.68 1.87
CA GLU G 73 30.84 -4.62 0.46
C GLU G 73 29.44 -5.23 0.27
N LEU G 74 29.23 -6.42 0.85
CA LEU G 74 27.93 -7.12 0.79
C LEU G 74 26.86 -6.36 1.56
N GLN G 75 27.23 -5.77 2.69
CA GLN G 75 26.27 -5.00 3.50
C GLN G 75 25.78 -3.74 2.78
N ALA G 76 26.63 -3.15 1.95
CA ALA G 76 26.24 -2.02 1.09
C ALA G 76 25.12 -2.45 0.15
N LEU G 77 25.31 -3.57 -0.52
CA LEU G 77 24.28 -4.16 -1.39
C LEU G 77 22.95 -4.32 -0.66
N LEU G 78 22.99 -4.79 0.59
CA LEU G 78 21.76 -5.00 1.34
C LEU G 78 21.17 -3.70 1.84
N ASP G 79 22.01 -2.69 2.05
CA ASP G 79 21.52 -1.39 2.51
C ASP G 79 20.69 -0.68 1.44
N GLU G 80 21.11 -0.76 0.17
CA GLU G 80 20.30 -0.19 -0.92
C GLU G 80 19.06 -1.04 -1.19
N ASP G 81 19.24 -2.34 -1.41
CA ASP G 81 18.11 -3.26 -1.57
C ASP G 81 18.36 -4.54 -0.76
N ASP G 82 17.69 -4.64 0.40
CA ASP G 82 17.92 -5.75 1.32
C ASP G 82 17.24 -7.05 0.93
N ALA G 83 16.37 -7.04 -0.08
CA ALA G 83 15.65 -8.24 -0.49
C ALA G 83 16.04 -8.67 -1.90
N GLN G 84 17.32 -8.91 -2.10
CA GLN G 84 17.79 -9.54 -3.33
C GLN G 84 17.93 -11.04 -3.11
N THR G 85 18.15 -11.80 -4.17
CA THR G 85 18.45 -13.23 -4.05
C THR G 85 19.95 -13.38 -3.89
N GLN G 86 20.39 -14.59 -3.55
CA GLN G 86 21.81 -14.84 -3.43
C GLN G 86 22.49 -14.73 -4.78
N LYS G 87 21.88 -15.31 -5.81
CA LYS G 87 22.43 -15.19 -7.17
C LYS G 87 22.59 -13.72 -7.56
N GLN G 88 21.61 -12.89 -7.19
CA GLN G 88 21.61 -11.46 -7.55
C GLN G 88 22.73 -10.70 -6.87
N LEU G 89 23.03 -11.07 -5.63
CA LEU G 89 24.12 -10.47 -4.87
C LEU G 89 25.45 -11.02 -5.39
N ALA G 90 25.49 -12.33 -5.55
CA ALA G 90 26.64 -13.00 -6.12
C ALA G 90 27.07 -12.33 -7.43
N GLU G 91 26.13 -12.21 -8.36
CA GLU G 91 26.36 -11.57 -9.66
C GLU G 91 27.12 -10.26 -9.52
N GLN G 92 26.65 -9.40 -8.62
CA GLN G 92 27.26 -8.10 -8.36
C GLN G 92 28.69 -8.18 -7.79
N LEU G 93 28.99 -9.30 -7.12
CA LEU G 93 30.29 -9.52 -6.47
C LEU G 93 31.21 -10.46 -7.27
N GLU G 94 30.82 -10.75 -8.51
CA GLU G 94 31.63 -11.58 -9.41
C GLU G 94 32.00 -12.91 -8.75
N VAL G 95 31.11 -13.40 -7.89
CA VAL G 95 31.36 -14.58 -7.08
C VAL G 95 30.17 -15.53 -7.19
N SER G 96 30.32 -16.78 -6.76
CA SER G 96 29.23 -17.76 -6.88
C SER G 96 28.13 -17.50 -5.87
N GLN G 97 26.96 -18.07 -6.16
CA GLN G 97 25.82 -18.00 -5.26
C GLN G 97 26.17 -18.63 -3.93
N GLN G 98 26.72 -19.85 -3.98
CA GLN G 98 27.10 -20.59 -2.78
C GLN G 98 27.98 -19.76 -1.85
N ALA G 99 29.01 -19.14 -2.44
CA ALA G 99 29.93 -18.27 -1.71
C ALA G 99 29.21 -17.17 -0.93
N VAL G 100 28.04 -16.76 -1.41
CA VAL G 100 27.23 -15.78 -0.68
C VAL G 100 26.47 -16.44 0.46
N SER G 101 25.85 -17.59 0.23
CA SER G 101 25.12 -18.30 1.29
C SER G 101 25.89 -18.30 2.60
N ASN G 102 27.17 -18.65 2.50
CA ASN G 102 28.08 -18.76 3.65
C ASN G 102 28.30 -17.42 4.35
N ARG G 103 28.89 -16.46 3.65
CA ARG G 103 29.14 -15.12 4.19
C ARG G 103 27.95 -14.50 4.90
N LEU G 104 26.74 -14.92 4.51
CA LEU G 104 25.52 -14.45 5.12
C LEU G 104 25.26 -15.14 6.45
N ARG G 105 25.61 -16.43 6.55
CA ARG G 105 25.62 -17.13 7.84
C ARG G 105 26.69 -16.54 8.74
N GLU G 106 27.86 -16.31 8.15
CA GLU G 106 29.00 -15.74 8.83
C GLU G 106 28.59 -14.43 9.48
N MET G 107 28.03 -13.51 8.70
CA MET G 107 27.42 -12.30 9.26
C MET G 107 26.14 -12.71 9.99
N GLY G 108 25.48 -11.79 10.68
CA GLY G 108 24.35 -12.17 11.52
C GLY G 108 23.06 -12.53 10.80
N LYS G 109 23.12 -12.61 9.47
CA LYS G 109 21.92 -12.41 8.62
C LYS G 109 20.98 -13.59 8.55
N ILE G 110 19.68 -13.32 8.59
CA ILE G 110 18.65 -14.32 8.29
C ILE G 110 17.62 -13.82 7.27
N GLN G 111 17.01 -14.77 6.57
CA GLN G 111 15.95 -14.47 5.62
C GLN G 111 14.63 -14.40 6.36
N LYS G 112 13.83 -13.39 6.08
CA LYS G 112 12.47 -13.33 6.62
C LYS G 112 11.48 -12.69 5.65
N VAL G 113 10.29 -13.31 5.54
CA VAL G 113 9.24 -12.81 4.66
C VAL G 113 8.64 -11.54 5.25
N GLY G 114 8.38 -10.56 4.38
CA GLY G 114 7.79 -9.29 4.81
C GLY G 114 6.33 -9.41 5.18
N ARG G 115 5.71 -8.29 5.50
CA ARG G 115 4.31 -8.29 5.88
C ARG G 115 3.41 -7.80 4.75
N TRP G 116 2.22 -8.39 4.70
CA TRP G 116 1.13 -7.85 3.89
C TRP G 116 0.66 -6.57 4.54
N VAL G 117 0.37 -5.58 3.71
CA VAL G 117 -0.14 -4.30 4.18
C VAL G 117 -1.33 -3.96 3.28
N PRO G 118 -2.48 -3.60 3.88
CA PRO G 118 -3.77 -3.76 3.18
C PRO G 118 -3.98 -3.02 1.86
N HIS G 119 -3.22 -1.97 1.57
CA HIS G 119 -3.42 -1.24 0.33
C HIS G 119 -2.19 -0.39 -0.03
N GLU G 120 -2.09 0.03 -1.28
CA GLU G 120 -1.04 0.94 -1.68
C GLU G 120 -1.51 2.40 -1.63
N LEU G 121 -1.23 3.06 -0.52
CA LEU G 121 -1.66 4.42 -0.31
C LEU G 121 -0.83 5.35 -1.16
N ASN G 122 -1.42 6.46 -1.55
CA ASN G 122 -0.71 7.54 -2.20
C ASN G 122 -0.66 8.69 -1.24
N GLU G 123 0.15 9.69 -1.55
CA GLU G 123 0.33 10.81 -0.63
C GLU G 123 -0.99 11.35 -0.08
N ARG G 124 -1.99 11.54 -0.94
CA ARG G 124 -3.27 12.07 -0.46
C ARG G 124 -3.87 11.11 0.55
N GLN G 125 -3.96 9.84 0.22
CA GLN G 125 -4.51 8.86 1.15
C GLN G 125 -3.73 8.78 2.47
N MET G 126 -2.42 8.98 2.40
CA MET G 126 -1.55 9.02 3.57
C MET G 126 -1.88 10.23 4.46
N GLU G 127 -1.65 11.44 3.96
CA GLU G 127 -1.92 12.66 4.75
C GLU G 127 -3.30 12.67 5.37
N ARG G 128 -4.27 12.07 4.70
CA ARG G 128 -5.61 11.97 5.25
C ARG G 128 -5.57 11.27 6.60
N ARG G 129 -5.01 10.06 6.62
CA ARG G 129 -4.80 9.31 7.85
C ARG G 129 -4.00 10.12 8.88
N LYS G 130 -2.84 10.62 8.48
CA LYS G 130 -2.03 11.40 9.40
C LYS G 130 -2.84 12.49 10.07
N ASN G 131 -3.64 13.19 9.27
CA ASN G 131 -4.40 14.33 9.75
C ASN G 131 -5.50 13.90 10.69
N THR G 132 -6.20 12.83 10.34
CA THR G 132 -7.32 12.38 11.16
C THR G 132 -6.83 11.89 12.51
N CYS G 133 -5.66 11.26 12.52
CA CYS G 133 -5.03 10.84 13.76
C CYS G 133 -4.64 12.13 14.54
N GLU G 134 -3.75 12.95 13.98
CA GLU G 134 -3.39 14.24 14.59
C GLU G 134 -4.54 14.90 15.34
N ILE G 135 -5.70 14.95 14.70
CA ILE G 135 -6.88 15.59 15.27
C ILE G 135 -7.47 14.80 16.43
N LEU G 136 -7.67 13.50 16.23
CA LEU G 136 -8.22 12.63 17.26
C LEU G 136 -7.34 12.59 18.52
N LEU G 137 -6.02 12.61 18.33
CA LEU G 137 -5.08 12.77 19.44
C LEU G 137 -5.37 14.08 20.16
N SER G 138 -5.16 15.19 19.48
CA SER G 138 -5.34 16.51 20.09
C SER G 138 -6.62 16.60 20.93
N ARG G 139 -7.63 15.82 20.58
CA ARG G 139 -8.85 15.80 21.36
C ARG G 139 -8.71 14.90 22.57
N TYR G 140 -8.28 13.66 22.35
CA TYR G 140 -7.98 12.72 23.45
C TYR G 140 -7.12 13.39 24.53
N LYS G 141 -5.92 13.81 24.17
CA LYS G 141 -5.04 14.60 25.06
C LYS G 141 -5.82 15.59 25.92
N ARG G 142 -6.73 16.32 25.30
CA ARG G 142 -7.57 17.26 26.04
C ARG G 142 -8.50 16.50 26.98
N LYS G 143 -9.26 15.56 26.42
CA LYS G 143 -10.19 14.78 27.21
C LYS G 143 -10.42 13.39 26.60
N SER G 144 -10.23 12.35 27.40
CA SER G 144 -10.49 10.97 26.97
C SER G 144 -11.99 10.77 26.72
N PHE G 145 -12.31 10.27 25.53
CA PHE G 145 -13.70 10.04 25.12
C PHE G 145 -13.94 8.59 24.68
N LEU G 146 -12.92 7.73 24.78
CA LEU G 146 -13.03 6.33 24.37
C LEU G 146 -14.17 5.60 25.11
N HIS G 147 -14.47 6.07 26.33
CA HIS G 147 -15.58 5.52 27.10
C HIS G 147 -16.93 5.71 26.41
N ARG G 148 -17.04 6.74 25.59
CA ARG G 148 -18.26 6.97 24.81
C ARG G 148 -18.24 6.23 23.48
N ILE G 149 -17.06 5.85 23.03
CA ILE G 149 -16.87 5.21 21.73
C ILE G 149 -17.73 3.94 21.62
N VAL G 150 -18.35 3.76 20.46
CA VAL G 150 -19.03 2.50 20.15
C VAL G 150 -18.85 2.27 18.66
N THR G 151 -18.03 1.28 18.34
CA THR G 151 -17.64 1.00 16.98
C THR G 151 -18.41 -0.20 16.47
N GLY G 152 -18.16 -0.57 15.21
CA GLY G 152 -18.77 -1.75 14.64
C GLY G 152 -18.52 -1.86 13.15
N ASP G 153 -18.34 -3.09 12.69
CA ASP G 153 -18.03 -3.37 11.29
C ASP G 153 -18.73 -4.68 10.94
N GLU G 154 -18.39 -5.26 9.78
CA GLU G 154 -18.96 -6.53 9.35
C GLU G 154 -17.87 -7.45 8.76
N LYS G 155 -18.08 -8.75 8.89
CA LYS G 155 -17.06 -9.73 8.51
C LYS G 155 -17.66 -11.06 8.08
N TRP G 156 -17.17 -11.58 6.97
CA TRP G 156 -17.57 -12.89 6.47
C TRP G 156 -17.06 -14.01 7.36
N ILE G 157 -17.86 -15.05 7.53
CA ILE G 157 -17.45 -16.23 8.25
C ILE G 157 -17.73 -17.44 7.38
N PHE G 158 -16.71 -17.92 6.68
CA PHE G 158 -16.87 -19.08 5.80
C PHE G 158 -17.25 -20.29 6.65
N PHE G 159 -17.98 -21.22 6.07
CA PHE G 159 -18.40 -22.43 6.80
C PHE G 159 -17.24 -23.39 6.92
N VAL G 160 -16.33 -23.33 5.95
CA VAL G 160 -15.12 -24.14 5.97
C VAL G 160 -13.92 -23.21 5.82
N ASN G 161 -13.02 -23.25 6.80
CA ASN G 161 -11.80 -22.46 6.80
C ASN G 161 -10.61 -23.42 6.79
N PRO G 162 -10.24 -23.94 5.62
CA PRO G 162 -9.13 -24.85 5.60
C PRO G 162 -7.82 -24.07 5.60
N LYS G 163 -6.84 -24.59 6.31
CA LYS G 163 -5.55 -23.95 6.45
C LYS G 163 -4.46 -24.96 6.10
N ARG G 164 -3.38 -24.47 5.50
CA ARG G 164 -2.32 -25.34 5.01
C ARG G 164 -1.71 -26.07 6.18
N LYS G 165 -1.50 -27.38 6.02
CA LYS G 165 -0.97 -28.24 7.11
C LYS G 165 0.55 -28.20 7.18
N LYS G 166 1.08 -28.40 8.39
CA LYS G 166 2.54 -28.45 8.61
C LYS G 166 2.95 -29.72 9.35
N SER G 167 3.61 -30.64 8.63
CA SER G 167 3.99 -31.93 9.17
C SER G 167 5.49 -32.03 9.44
N TYR G 168 5.84 -32.93 10.37
CA TYR G 168 7.23 -33.28 10.70
C TYR G 168 7.59 -34.61 10.08
N VAL G 169 8.64 -34.65 9.26
CA VAL G 169 8.98 -35.89 8.57
C VAL G 169 10.41 -35.86 7.99
N ASP G 170 10.91 -37.03 7.61
CA ASP G 170 12.25 -37.17 7.01
C ASP G 170 12.36 -36.37 5.72
N PRO G 171 13.54 -35.77 5.45
CA PRO G 171 13.76 -35.06 4.21
C PRO G 171 13.33 -35.83 2.98
N GLY G 172 12.70 -35.14 2.04
CA GLY G 172 12.28 -35.74 0.79
C GLY G 172 11.05 -36.60 0.92
N GLN G 173 10.25 -36.36 1.96
CA GLN G 173 9.03 -37.11 2.18
C GLN G 173 7.84 -36.17 1.99
N PRO G 174 6.72 -36.71 1.49
CA PRO G 174 5.53 -35.86 1.36
C PRO G 174 4.92 -35.44 2.70
N ALA G 175 4.45 -34.19 2.74
CA ALA G 175 3.69 -33.64 3.87
C ALA G 175 2.19 -33.81 3.68
N THR G 176 1.42 -33.67 4.75
CA THR G 176 -0.04 -33.79 4.67
C THR G 176 -0.61 -32.61 3.89
N SER G 177 -1.29 -32.91 2.78
CA SER G 177 -1.85 -31.90 1.89
C SER G 177 -3.26 -31.49 2.31
N THR G 178 -3.75 -30.41 1.70
CA THR G 178 -5.09 -29.88 1.99
C THR G 178 -5.82 -29.43 0.72
N ALA G 179 -7.13 -29.68 0.69
CA ALA G 179 -7.98 -29.31 -0.43
C ALA G 179 -8.35 -27.83 -0.35
N ARG G 180 -8.17 -27.11 -1.44
CA ARG G 180 -8.33 -25.66 -1.45
C ARG G 180 -9.71 -25.18 -1.03
N PRO G 181 -9.81 -23.93 -0.55
CA PRO G 181 -11.09 -23.39 -0.14
C PRO G 181 -11.92 -22.96 -1.35
N ASN G 182 -13.21 -23.28 -1.31
CA ASN G 182 -14.15 -22.93 -2.39
C ASN G 182 -14.61 -21.48 -2.24
N ARG G 183 -14.08 -20.58 -3.08
CA ARG G 183 -14.43 -19.14 -3.00
C ARG G 183 -15.92 -18.93 -2.88
N PHE G 184 -16.65 -19.53 -3.82
CA PHE G 184 -18.10 -19.48 -3.85
C PHE G 184 -18.63 -20.69 -3.07
N GLY G 185 -18.40 -20.68 -1.76
CA GLY G 185 -18.91 -21.69 -0.85
C GLY G 185 -19.77 -20.99 0.19
N LYS G 186 -20.39 -21.75 1.07
CA LYS G 186 -21.31 -21.18 2.06
C LYS G 186 -20.60 -20.24 3.04
N LYS G 187 -21.17 -19.06 3.24
CA LYS G 187 -20.60 -18.05 4.13
C LYS G 187 -21.74 -17.24 4.73
N THR G 188 -21.57 -16.82 5.98
CA THR G 188 -22.56 -15.95 6.63
C THR G 188 -21.89 -14.66 7.05
N MET G 189 -22.48 -13.54 6.67
CA MET G 189 -21.94 -12.25 7.07
C MET G 189 -22.31 -12.01 8.53
N LEU G 190 -21.36 -11.49 9.30
CA LEU G 190 -21.61 -11.15 10.69
C LEU G 190 -21.51 -9.64 10.79
N CYS G 191 -22.53 -9.03 11.38
CA CYS G 191 -22.53 -7.60 11.67
C CYS G 191 -22.57 -7.41 13.17
N VAL G 192 -21.55 -6.74 13.72
CA VAL G 192 -21.44 -6.59 15.16
C VAL G 192 -20.91 -5.20 15.56
N TRP G 193 -21.54 -4.65 16.61
CA TRP G 193 -21.13 -3.40 17.22
C TRP G 193 -20.88 -3.68 18.69
N TRP G 194 -19.91 -2.96 19.26
CA TRP G 194 -19.47 -3.20 20.63
C TRP G 194 -18.88 -1.93 21.21
N ASP G 195 -18.46 -1.98 22.47
CA ASP G 195 -17.67 -0.89 23.05
C ASP G 195 -16.76 -1.46 24.16
N GLN G 196 -16.02 -0.58 24.83
CA GLN G 196 -15.04 -0.99 25.85
C GLN G 196 -15.60 -1.90 26.93
N SER G 197 -16.90 -1.78 27.21
CA SER G 197 -17.59 -2.64 28.16
C SER G 197 -18.21 -3.90 27.51
N GLY G 198 -17.84 -4.19 26.26
CA GLY G 198 -18.26 -5.44 25.62
C GLY G 198 -19.26 -5.33 24.48
N VAL G 199 -19.57 -6.47 23.87
CA VAL G 199 -20.48 -6.53 22.73
C VAL G 199 -21.85 -5.97 23.09
N ILE G 200 -22.44 -5.21 22.18
CA ILE G 200 -23.70 -4.51 22.43
C ILE G 200 -24.85 -5.19 21.70
N TYR G 201 -24.65 -5.44 20.41
CA TYR G 201 -25.67 -6.03 19.57
C TYR G 201 -25.01 -6.57 18.31
N TYR G 202 -25.56 -7.66 17.77
CA TYR G 202 -25.05 -8.25 16.54
C TYR G 202 -26.14 -9.02 15.79
N GLU G 203 -25.99 -9.11 14.48
CA GLU G 203 -26.86 -9.91 13.62
C GLU G 203 -26.01 -10.79 12.73
N LEU G 204 -26.39 -12.07 12.62
CA LEU G 204 -25.73 -12.98 11.70
C LEU G 204 -26.65 -13.22 10.50
N LEU G 205 -26.34 -12.55 9.39
CA LEU G 205 -27.12 -12.67 8.16
C LEU G 205 -27.02 -14.08 7.61
N LYS G 206 -28.05 -14.49 6.86
CA LYS G 206 -28.15 -15.86 6.38
C LYS G 206 -27.19 -16.05 5.19
N PRO G 207 -26.97 -17.30 4.76
CA PRO G 207 -26.10 -17.57 3.61
C PRO G 207 -26.47 -16.77 2.36
N GLY G 208 -25.57 -15.90 1.92
CA GLY G 208 -25.81 -15.09 0.73
C GLY G 208 -26.39 -13.72 1.00
N GLU G 209 -27.06 -13.54 2.13
CA GLU G 209 -27.64 -12.23 2.47
C GLU G 209 -26.57 -11.16 2.61
N THR G 210 -26.96 -9.92 2.35
CA THR G 210 -26.02 -8.80 2.35
C THR G 210 -26.65 -7.49 2.87
N VAL G 211 -25.79 -6.63 3.40
CA VAL G 211 -26.21 -5.34 3.95
C VAL G 211 -26.49 -4.36 2.83
N ASN G 212 -27.73 -3.91 2.79
CA ASN G 212 -28.18 -2.88 1.87
C ASN G 212 -28.66 -1.69 2.71
N ALA G 213 -28.41 -0.48 2.23
CA ALA G 213 -28.64 0.76 3.00
C ALA G 213 -29.92 0.77 3.87
N ALA G 214 -30.97 0.11 3.40
CA ALA G 214 -32.20 -0.04 4.17
C ALA G 214 -31.98 -0.92 5.40
N ARG G 215 -31.41 -2.09 5.17
CA ARG G 215 -31.04 -3.03 6.23
C ARG G 215 -30.20 -2.37 7.33
N TYR G 216 -29.16 -1.64 6.92
CA TYR G 216 -28.27 -0.95 7.87
C TYR G 216 -29.04 0.03 8.73
N GLN G 217 -29.96 0.75 8.08
CA GLN G 217 -30.82 1.70 8.78
C GLN G 217 -31.57 0.98 9.90
N GLN G 218 -32.28 -0.07 9.54
CA GLN G 218 -33.00 -0.88 10.51
C GLN G 218 -32.06 -1.31 11.63
N GLN G 219 -30.91 -1.86 11.23
CA GLN G 219 -29.91 -2.33 12.18
C GLN G 219 -29.55 -1.27 13.20
N LEU G 220 -29.39 -0.02 12.76
CA LEU G 220 -29.01 1.07 13.66
C LEU G 220 -30.03 1.34 14.76
N ILE G 221 -31.32 1.12 14.48
CA ILE G 221 -32.35 1.28 15.51
C ILE G 221 -32.29 0.11 16.47
N ASN G 222 -32.31 -1.09 15.91
CA ASN G 222 -32.24 -2.32 16.71
C ASN G 222 -31.04 -2.26 17.64
N LEU G 223 -29.95 -1.70 17.14
CA LEU G 223 -28.78 -1.39 17.96
C LEU G 223 -29.19 -0.42 19.04
N ASN G 224 -29.63 0.77 18.62
CA ASN G 224 -29.98 1.83 19.56
C ASN G 224 -30.88 1.34 20.68
N ARG G 225 -31.92 0.60 20.33
CA ARG G 225 -32.83 0.04 21.32
C ARG G 225 -32.08 -0.91 22.24
N ALA G 226 -31.35 -1.84 21.64
CA ALA G 226 -30.52 -2.78 22.39
C ALA G 226 -29.45 -2.05 23.20
N LEU G 227 -29.05 -0.88 22.74
CA LEU G 227 -27.97 -0.12 23.37
C LEU G 227 -28.36 0.50 24.71
N GLN G 228 -29.58 1.05 24.78
CA GLN G 228 -30.01 1.73 26.00
C GLN G 228 -30.41 0.76 27.12
N ARG G 229 -30.79 -0.48 26.78
CA ARG G 229 -30.98 -1.54 27.78
C ARG G 229 -29.62 -1.94 28.37
N LYS G 230 -28.71 -2.36 27.49
CA LYS G 230 -27.41 -2.89 27.89
C LYS G 230 -26.51 -1.84 28.52
N ARG G 231 -26.58 -0.61 28.01
CA ARG G 231 -25.81 0.50 28.58
C ARG G 231 -26.77 1.53 29.19
N PRO G 232 -27.04 1.39 30.51
CA PRO G 232 -27.92 2.33 31.22
C PRO G 232 -27.53 3.79 30.98
N GLU G 233 -26.23 4.07 31.10
CA GLU G 233 -25.68 5.44 31.08
C GLU G 233 -25.98 6.27 29.83
N TYR G 234 -26.66 5.69 28.84
CA TYR G 234 -27.04 6.42 27.62
C TYR G 234 -28.48 6.92 27.59
N GLN G 235 -29.34 6.33 28.43
CA GLN G 235 -30.69 6.86 28.58
C GLN G 235 -30.58 8.35 28.87
N LYS G 236 -29.80 8.68 29.90
CA LYS G 236 -29.46 10.06 30.25
C LYS G 236 -28.68 10.75 29.13
N ARG G 237 -27.53 10.20 28.81
CA ARG G 237 -26.57 10.83 27.89
C ARG G 237 -26.85 10.37 26.46
N GLN G 238 -27.99 10.82 25.93
CA GLN G 238 -28.54 10.29 24.67
C GLN G 238 -27.86 10.85 23.42
N HIS G 239 -27.09 11.93 23.59
CA HIS G 239 -26.32 12.54 22.49
C HIS G 239 -24.81 12.30 22.62
N ARG G 240 -24.37 11.74 23.76
CA ARG G 240 -22.94 11.54 24.04
C ARG G 240 -22.29 10.43 23.22
N VAL G 241 -23.11 9.59 22.58
CA VAL G 241 -22.61 8.46 21.78
C VAL G 241 -21.68 8.88 20.63
N ILE G 242 -20.50 8.28 20.61
CA ILE G 242 -19.53 8.45 19.53
C ILE G 242 -19.61 7.20 18.66
N PHE G 243 -19.62 7.35 17.33
CA PHE G 243 -19.81 6.19 16.45
C PHE G 243 -18.70 6.06 15.42
N LEU G 244 -17.92 4.99 15.55
CA LEU G 244 -16.79 4.72 14.68
C LEU G 244 -17.17 3.59 13.73
N HIS G 245 -17.36 3.91 12.44
CA HIS G 245 -17.74 2.88 11.45
C HIS G 245 -17.09 3.12 10.10
N ALA G 246 -17.03 2.06 9.29
CA ALA G 246 -16.29 2.07 8.03
C ALA G 246 -16.90 3.00 6.98
N ASN G 247 -16.04 3.58 6.14
CA ASN G 247 -16.50 4.44 5.03
C ASN G 247 -17.02 3.63 3.84
N ALA G 248 -18.04 2.81 4.07
CA ALA G 248 -18.60 1.97 3.02
C ALA G 248 -19.63 2.78 2.23
N PRO G 249 -20.26 2.18 1.21
CA PRO G 249 -21.30 2.90 0.48
C PRO G 249 -22.65 2.90 1.21
N SER G 250 -22.96 1.79 1.89
CA SER G 250 -24.17 1.70 2.69
C SER G 250 -24.07 2.68 3.86
N HIS G 251 -22.85 2.90 4.34
CA HIS G 251 -22.60 3.78 5.49
C HIS G 251 -22.61 5.28 5.11
N THR G 252 -22.98 5.61 3.88
CA THR G 252 -23.09 7.03 3.48
C THR G 252 -24.39 7.42 2.76
N ALA G 253 -25.17 6.44 2.30
CA ALA G 253 -26.48 6.70 1.66
C ALA G 253 -27.36 7.55 2.57
N ARG G 254 -28.04 8.54 1.99
CA ARG G 254 -28.74 9.55 2.78
C ARG G 254 -29.73 8.97 3.78
N ALA G 255 -30.44 7.91 3.39
CA ALA G 255 -31.42 7.25 4.27
C ALA G 255 -30.81 6.94 5.63
N VAL G 256 -29.56 6.47 5.62
CA VAL G 256 -28.82 6.21 6.85
C VAL G 256 -28.36 7.51 7.50
N ARG G 257 -27.70 8.35 6.70
CA ARG G 257 -27.12 9.62 7.15
C ARG G 257 -28.11 10.48 7.96
N ASP G 258 -29.39 10.42 7.60
CA ASP G 258 -30.46 11.05 8.38
C ASP G 258 -30.64 10.36 9.72
N THR G 259 -30.85 9.05 9.64
CA THR G 259 -31.07 8.21 10.82
C THR G 259 -30.07 8.45 11.93
N LEU G 260 -28.81 8.70 11.56
CA LEU G 260 -27.77 9.00 12.55
C LEU G 260 -27.94 10.41 13.14
N GLU G 261 -28.47 11.33 12.33
CA GLU G 261 -28.75 12.68 12.83
C GLU G 261 -29.97 12.69 13.75
N THR G 262 -30.98 11.88 13.43
CA THR G 262 -32.16 11.76 14.28
C THR G 262 -31.83 11.11 15.64
N LEU G 263 -30.94 10.12 15.63
CA LEU G 263 -30.41 9.54 16.87
C LEU G 263 -29.43 10.52 17.53
N ASN G 264 -28.87 11.42 16.74
CA ASN G 264 -27.90 12.42 17.20
C ASN G 264 -26.70 11.75 17.86
N TRP G 265 -25.95 11.02 17.04
CA TRP G 265 -24.69 10.40 17.43
C TRP G 265 -23.55 11.19 16.79
N GLU G 266 -22.49 11.45 17.56
CA GLU G 266 -21.30 12.04 16.98
C GLU G 266 -20.64 10.95 16.17
N VAL G 267 -20.58 11.10 14.84
CA VAL G 267 -19.81 10.15 14.01
C VAL G 267 -18.33 10.54 14.00
N LEU G 268 -17.47 9.56 14.30
CA LEU G 268 -16.04 9.82 14.44
C LEU G 268 -15.42 9.86 13.06
N PRO G 269 -14.57 10.87 12.79
CA PRO G 269 -13.77 10.89 11.58
C PRO G 269 -12.96 9.62 11.37
N HIS G 270 -13.08 9.03 10.19
CA HIS G 270 -12.31 7.82 9.87
C HIS G 270 -11.73 7.90 8.46
N ALA G 271 -10.41 7.83 8.38
CA ALA G 271 -9.72 7.86 7.09
C ALA G 271 -10.00 6.60 6.28
N ALA G 272 -9.79 6.71 4.97
CA ALA G 272 -10.03 5.60 4.04
C ALA G 272 -8.87 4.63 4.10
N TYR G 273 -9.14 3.37 3.75
CA TYR G 273 -8.14 2.30 3.69
C TYR G 273 -7.37 2.13 4.99
N SER G 274 -8.09 2.28 6.09
CA SER G 274 -7.49 2.29 7.41
C SER G 274 -8.22 1.32 8.31
N PRO G 275 -8.18 0.02 7.97
CA PRO G 275 -8.68 -1.00 8.88
C PRO G 275 -7.75 -1.21 10.07
N ASP G 276 -6.51 -0.73 9.96
CA ASP G 276 -5.55 -0.72 11.07
C ASP G 276 -5.77 0.42 12.08
N LEU G 277 -6.81 1.23 11.88
CA LEU G 277 -7.28 2.17 12.90
C LEU G 277 -8.70 1.82 13.31
N ALA G 278 -9.18 0.66 12.87
CA ALA G 278 -10.56 0.25 13.11
C ALA G 278 -10.64 -0.94 14.10
N PRO G 279 -10.94 -0.65 15.38
CA PRO G 279 -10.97 -1.66 16.44
C PRO G 279 -11.64 -2.95 16.05
N SER G 280 -12.82 -2.87 15.45
CA SER G 280 -13.53 -4.07 15.04
C SER G 280 -12.61 -4.96 14.20
N ASP G 281 -11.81 -4.35 13.34
CA ASP G 281 -10.89 -5.09 12.48
C ASP G 281 -9.65 -5.58 13.22
N TYR G 282 -8.74 -4.68 13.56
CA TYR G 282 -7.41 -5.06 14.04
C TYR G 282 -7.41 -5.81 15.37
N HIS G 283 -8.46 -5.63 16.17
CA HIS G 283 -8.58 -6.28 17.47
C HIS G 283 -9.63 -7.41 17.49
N LEU G 284 -10.91 -7.05 17.40
CA LEU G 284 -11.99 -8.03 17.60
C LEU G 284 -12.04 -9.15 16.55
N PHE G 285 -11.92 -8.82 15.27
CA PHE G 285 -11.94 -9.85 14.25
C PHE G 285 -10.62 -10.59 14.19
N ALA G 286 -9.53 -9.86 14.46
CA ALA G 286 -8.21 -10.46 14.49
C ALA G 286 -8.18 -11.67 15.40
N SER G 287 -8.82 -11.56 16.54
CA SER G 287 -8.89 -12.65 17.50
C SER G 287 -9.66 -13.82 16.91
N MET G 288 -10.87 -13.55 16.42
CA MET G 288 -11.70 -14.58 15.77
C MET G 288 -10.87 -15.38 14.76
N GLY G 289 -10.12 -14.67 13.92
CA GLY G 289 -9.30 -15.29 12.87
C GLY G 289 -8.56 -16.55 13.30
N HIS G 290 -7.90 -16.48 14.45
CA HIS G 290 -7.21 -17.62 15.03
C HIS G 290 -8.21 -18.66 15.50
N ALA G 291 -9.21 -18.20 16.25
CA ALA G 291 -10.27 -19.06 16.76
C ALA G 291 -11.04 -19.79 15.64
N LEU G 292 -11.13 -19.15 14.48
CA LEU G 292 -11.84 -19.73 13.33
C LEU G 292 -10.98 -20.71 12.56
N ALA G 293 -9.66 -20.50 12.58
CA ALA G 293 -8.75 -21.34 11.82
C ALA G 293 -9.05 -22.83 12.03
N GLU G 294 -9.10 -23.56 10.93
CA GLU G 294 -9.36 -25.01 10.92
C GLU G 294 -10.69 -25.42 11.54
N GLN G 295 -11.54 -24.45 11.85
CA GLN G 295 -12.88 -24.73 12.38
C GLN G 295 -13.82 -25.02 11.21
N ARG G 296 -14.71 -25.98 11.39
CA ARG G 296 -15.69 -26.31 10.35
C ARG G 296 -17.13 -26.18 10.85
N PHE G 297 -17.99 -25.67 9.99
CA PHE G 297 -19.41 -25.53 10.29
C PHE G 297 -20.26 -26.23 9.24
N ASP G 298 -21.44 -26.65 9.64
CA ASP G 298 -22.35 -27.41 8.76
C ASP G 298 -23.67 -26.69 8.49
N SER G 299 -24.15 -25.93 9.46
CA SER G 299 -25.40 -25.19 9.32
C SER G 299 -25.29 -23.78 9.89
N TYR G 300 -26.11 -22.88 9.34
CA TYR G 300 -26.29 -21.54 9.88
C TYR G 300 -26.42 -21.58 11.41
N GLU G 301 -27.09 -22.61 11.91
CA GLU G 301 -27.32 -22.79 13.36
C GLU G 301 -25.99 -22.89 14.10
N SER G 302 -25.16 -23.80 13.63
CA SER G 302 -23.86 -24.12 14.25
C SER G 302 -22.99 -22.89 14.48
N VAL G 303 -22.98 -21.99 13.50
CA VAL G 303 -22.16 -20.77 13.54
C VAL G 303 -22.68 -19.82 14.62
N LYS G 304 -24.00 -19.59 14.59
CA LYS G 304 -24.69 -18.71 15.53
C LYS G 304 -24.38 -19.13 16.96
N LYS G 305 -24.45 -20.43 17.21
CA LYS G 305 -24.14 -20.99 18.51
C LYS G 305 -22.70 -20.71 18.91
N TRP G 306 -21.78 -20.98 17.99
CA TRP G 306 -20.35 -20.80 18.27
C TRP G 306 -20.02 -19.35 18.61
N LEU G 307 -20.54 -18.40 17.83
CA LEU G 307 -20.34 -16.96 18.08
C LEU G 307 -20.64 -16.61 19.53
N ASP G 308 -21.85 -16.97 19.97
CA ASP G 308 -22.30 -16.67 21.33
C ASP G 308 -21.27 -17.14 22.34
N GLU G 309 -20.99 -18.44 22.32
CA GLU G 309 -20.02 -19.04 23.24
C GLU G 309 -18.71 -18.27 23.23
N TRP G 310 -18.28 -17.86 22.05
CA TRP G 310 -17.04 -17.09 21.89
C TRP G 310 -17.15 -15.70 22.55
N PHE G 311 -18.27 -15.01 22.35
CA PHE G 311 -18.47 -13.69 22.95
C PHE G 311 -18.54 -13.75 24.48
N ALA G 312 -19.12 -14.84 25.00
CA ALA G 312 -19.19 -15.05 26.44
C ALA G 312 -17.81 -15.33 27.04
N ALA G 313 -17.08 -16.27 26.43
CA ALA G 313 -15.73 -16.61 26.85
C ALA G 313 -14.86 -15.38 27.08
N LYS G 314 -15.00 -14.39 26.21
CA LYS G 314 -14.23 -13.15 26.31
C LYS G 314 -14.57 -12.38 27.58
N ASP G 315 -13.56 -12.19 28.44
CA ASP G 315 -13.70 -11.35 29.62
C ASP G 315 -13.74 -9.88 29.19
N ASP G 316 -14.42 -9.04 29.98
CA ASP G 316 -14.59 -7.62 29.65
C ASP G 316 -13.28 -6.84 29.45
N GLU G 317 -12.20 -7.31 30.06
CA GLU G 317 -10.87 -6.71 29.85
C GLU G 317 -10.56 -6.61 28.37
N PHE G 318 -10.78 -7.72 27.67
CA PHE G 318 -10.54 -7.80 26.22
C PHE G 318 -11.12 -6.61 25.46
N TYR G 319 -12.44 -6.47 25.52
CA TYR G 319 -13.12 -5.41 24.80
C TYR G 319 -12.57 -4.03 25.17
N TRP G 320 -12.22 -3.85 26.44
CA TRP G 320 -11.68 -2.59 26.90
C TRP G 320 -10.32 -2.29 26.24
N ARG G 321 -9.44 -3.29 26.20
CA ARG G 321 -8.09 -3.07 25.68
C ARG G 321 -8.06 -2.70 24.21
N GLY G 322 -8.95 -3.34 23.43
CA GLY G 322 -9.08 -3.05 21.99
C GLY G 322 -9.41 -1.60 21.70
N ILE G 323 -10.34 -1.05 22.46
CA ILE G 323 -10.72 0.35 22.32
C ILE G 323 -9.63 1.28 22.74
N HIS G 324 -8.97 0.98 23.87
CA HIS G 324 -7.92 1.85 24.40
C HIS G 324 -6.54 1.60 23.75
N LYS G 325 -6.50 0.70 22.78
CA LYS G 325 -5.35 0.63 21.87
C LYS G 325 -5.36 1.81 20.89
N LEU G 326 -6.49 2.50 20.75
CA LEU G 326 -6.58 3.60 19.80
C LEU G 326 -5.45 4.63 19.91
N PRO G 327 -5.40 5.39 21.01
CA PRO G 327 -4.39 6.45 21.09
C PRO G 327 -2.98 6.00 20.70
N GLU G 328 -2.64 4.77 21.04
CA GLU G 328 -1.36 4.19 20.64
C GLU G 328 -1.26 4.15 19.12
N ARG G 329 -2.28 3.58 18.48
CA ARG G 329 -2.27 3.39 17.04
C ARG G 329 -2.28 4.71 16.27
N TRP G 330 -3.10 5.66 16.74
CA TRP G 330 -3.08 7.00 16.18
C TRP G 330 -1.66 7.55 16.25
N GLU G 331 -1.06 7.52 17.44
CA GLU G 331 0.25 8.14 17.67
C GLU G 331 1.31 7.55 16.76
N LYS G 332 1.19 6.26 16.46
CA LYS G 332 2.08 5.60 15.50
C LYS G 332 1.73 6.02 14.08
N CYS G 333 0.43 5.97 13.77
CA CYS G 333 -0.12 6.45 12.49
C CYS G 333 0.53 7.78 12.12
N VAL G 334 0.32 8.79 12.95
CA VAL G 334 0.87 10.13 12.69
C VAL G 334 2.40 10.16 12.62
N ALA G 335 3.06 9.28 13.40
CA ALA G 335 4.52 9.24 13.42
C ALA G 335 5.09 8.67 12.13
N SER G 336 4.39 7.70 11.54
CA SER G 336 4.81 7.08 10.29
C SER G 336 4.37 7.86 9.05
N ASP G 337 3.93 9.11 9.25
CA ASP G 337 3.50 10.02 8.18
C ASP G 337 2.27 9.56 7.42
N GLY G 338 1.44 8.75 8.08
CA GLY G 338 0.24 8.23 7.47
C GLY G 338 0.44 6.88 6.82
N LYS G 339 1.71 6.47 6.65
CA LYS G 339 2.00 5.14 6.14
C LYS G 339 1.41 4.14 7.11
N TYR G 340 1.32 2.89 6.69
CA TYR G 340 0.92 1.85 7.60
C TYR G 340 2.08 1.56 8.56
N PHE G 341 1.77 1.09 9.77
CA PHE G 341 2.79 0.74 10.75
C PHE G 341 2.76 -0.77 11.03
N GLU G 342 3.79 -1.47 10.57
CA GLU G 342 3.84 -2.93 10.63
C GLU G 342 2.50 -3.55 10.24
N PHE H 1 52.41 -24.47 35.06
CA PHE H 1 52.07 -23.94 33.70
C PHE H 1 51.13 -24.84 32.90
N VAL H 2 51.58 -26.05 32.59
CA VAL H 2 50.97 -26.86 31.53
C VAL H 2 50.40 -28.23 31.94
N PRO H 3 49.45 -28.25 32.89
CA PRO H 3 48.75 -29.51 33.14
C PRO H 3 47.57 -29.64 32.19
N ASN H 4 47.03 -30.85 32.05
CA ASN H 4 45.72 -31.06 31.40
C ASN H 4 45.35 -32.54 31.31
N LYS H 5 44.15 -32.87 31.76
CA LYS H 5 43.71 -34.27 31.92
C LYS H 5 44.05 -35.12 30.69
N GLU H 6 43.88 -34.53 29.51
CA GLU H 6 44.20 -35.22 28.25
C GLU H 6 45.69 -35.30 28.00
N GLN H 7 46.39 -34.20 28.22
CA GLN H 7 47.83 -34.16 28.04
C GLN H 7 48.54 -35.10 29.03
N THR H 8 48.07 -35.10 30.28
CA THR H 8 48.64 -35.94 31.34
C THR H 8 48.67 -37.40 30.92
N ARG H 9 47.53 -37.89 30.44
CA ARG H 9 47.41 -39.28 30.03
C ARG H 9 48.29 -39.61 28.82
N THR H 10 48.55 -38.60 27.99
CA THR H 10 49.48 -38.74 26.88
C THR H 10 50.90 -38.96 27.40
N VAL H 11 51.29 -38.23 28.44
CA VAL H 11 52.60 -38.39 29.05
C VAL H 11 52.72 -39.81 29.63
N LEU H 12 51.65 -40.31 30.23
CA LEU H 12 51.64 -41.68 30.76
C LEU H 12 51.88 -42.73 29.67
N ILE H 13 51.41 -42.45 28.46
CA ILE H 13 51.67 -43.31 27.31
C ILE H 13 53.17 -43.30 27.00
N PHE H 14 53.75 -42.12 27.04
CA PHE H 14 55.16 -41.93 26.71
C PHE H 14 56.04 -42.70 27.68
N CYS H 15 55.78 -42.54 28.97
CA CYS H 15 56.54 -43.23 30.01
C CYS H 15 56.43 -44.75 29.83
N PHE H 16 55.21 -45.25 29.71
CA PHE H 16 54.94 -46.68 29.53
C PHE H 16 55.69 -47.29 28.33
N HIS H 17 55.83 -46.53 27.25
CA HIS H 17 56.59 -47.00 26.08
C HIS H 17 58.08 -47.00 26.34
N LEU H 18 58.56 -46.05 27.14
CA LEU H 18 59.94 -46.09 27.64
C LEU H 18 60.12 -47.21 28.68
N LYS H 19 59.02 -47.85 29.07
CA LYS H 19 59.00 -49.03 29.95
C LYS H 19 59.25 -48.69 31.41
N LYS H 20 59.08 -47.41 31.77
CA LYS H 20 59.20 -47.00 33.16
C LYS H 20 58.02 -47.55 33.96
N THR H 21 58.16 -47.54 35.27
CA THR H 21 57.14 -48.13 36.14
C THR H 21 55.98 -47.15 36.26
N ALA H 22 54.90 -47.60 36.89
CA ALA H 22 53.80 -46.70 37.19
C ALA H 22 54.30 -45.65 38.16
N ALA H 23 54.77 -46.08 39.32
CA ALA H 23 55.20 -45.16 40.39
C ALA H 23 56.30 -44.19 39.94
N GLU H 24 57.17 -44.66 39.04
CA GLU H 24 58.31 -43.88 38.59
C GLU H 24 57.84 -42.70 37.76
N SER H 25 56.89 -42.95 36.88
CA SER H 25 56.28 -41.92 36.06
C SER H 25 55.64 -40.85 36.92
N HIS H 26 54.89 -41.27 37.94
CA HIS H 26 54.26 -40.36 38.89
C HIS H 26 55.27 -39.43 39.60
N ARG H 27 56.51 -39.87 39.79
CA ARG H 27 57.56 -39.00 40.33
C ARG H 27 58.06 -38.02 39.27
N MET H 28 58.19 -38.49 38.03
CA MET H 28 58.60 -37.64 36.92
C MET H 28 57.50 -36.64 36.60
N LEU H 29 56.26 -37.05 36.85
CA LEU H 29 55.10 -36.22 36.63
C LEU H 29 55.14 -35.03 37.59
N VAL H 30 55.32 -35.34 38.88
CA VAL H 30 55.39 -34.30 39.91
C VAL H 30 56.68 -33.47 39.77
N GLU H 31 57.73 -34.07 39.21
CA GLU H 31 59.00 -33.36 38.96
C GLU H 31 58.92 -32.32 37.86
N ALA H 32 58.01 -32.52 36.91
CA ALA H 32 57.86 -31.64 35.75
C ALA H 32 56.88 -30.49 36.02
N PHE H 33 55.69 -30.86 36.50
CA PHE H 33 54.56 -29.94 36.62
C PHE H 33 54.17 -29.56 38.05
N GLY H 34 54.86 -30.12 39.05
CA GLY H 34 54.56 -29.79 40.45
C GLY H 34 53.51 -30.69 41.09
N GLU H 35 53.08 -30.30 42.28
CA GLU H 35 52.22 -31.15 43.11
C GLU H 35 50.85 -31.42 42.52
N GLN H 36 50.31 -30.46 41.77
CA GLN H 36 48.91 -30.48 41.35
C GLN H 36 48.56 -31.69 40.47
N VAL H 37 49.58 -32.36 39.96
CA VAL H 37 49.48 -33.66 39.29
C VAL H 37 48.61 -34.71 40.03
N PRO H 38 48.11 -35.73 39.30
CA PRO H 38 47.28 -36.78 39.93
C PRO H 38 48.06 -37.76 40.82
N THR H 39 47.36 -38.75 41.35
CA THR H 39 48.00 -39.76 42.18
C THR H 39 48.71 -40.81 41.34
N VAL H 40 49.53 -41.60 42.01
CA VAL H 40 50.10 -42.83 41.46
C VAL H 40 48.99 -43.84 41.17
N LYS H 41 47.94 -43.84 41.98
CA LYS H 41 46.89 -44.86 41.87
C LYS H 41 46.23 -44.83 40.49
N THR H 42 46.07 -43.63 39.94
CA THR H 42 45.54 -43.47 38.60
C THR H 42 46.56 -43.88 37.55
N CYS H 43 47.80 -43.42 37.68
CA CYS H 43 48.88 -43.87 36.79
C CYS H 43 48.88 -45.40 36.70
N GLU H 44 48.81 -46.07 37.86
CA GLU H 44 48.72 -47.54 37.90
C GLU H 44 47.55 -48.05 37.06
N ARG H 45 46.37 -47.46 37.27
CA ARG H 45 45.16 -47.81 36.51
C ARG H 45 45.33 -47.54 35.01
N TRP H 46 45.74 -46.33 34.67
CA TRP H 46 45.97 -45.98 33.26
C TRP H 46 46.98 -46.95 32.64
N PHE H 47 48.05 -47.23 33.37
CA PHE H 47 49.00 -48.27 32.98
C PHE H 47 48.30 -49.61 32.82
N GLN H 48 47.37 -49.91 33.72
CA GLN H 48 46.60 -51.15 33.65
C GLN H 48 45.92 -51.24 32.30
N ARG H 49 45.27 -50.15 31.89
CA ARG H 49 44.54 -50.12 30.63
C ARG H 49 45.47 -50.16 29.41
N PHE H 50 46.67 -49.60 29.54
CA PHE H 50 47.68 -49.69 28.47
C PHE H 50 48.14 -51.13 28.25
N LYS H 51 48.31 -51.89 29.33
CA LYS H 51 48.70 -53.30 29.24
C LYS H 51 47.61 -54.11 28.52
N SER H 52 46.36 -53.66 28.67
CA SER H 52 45.21 -54.23 27.93
C SER H 52 45.31 -53.98 26.42
N GLY H 53 45.90 -52.85 26.03
CA GLY H 53 46.10 -52.49 24.62
C GLY H 53 45.24 -51.32 24.14
N ASP H 54 44.62 -50.62 25.08
CA ASP H 54 43.64 -49.57 24.79
C ASP H 54 44.23 -48.19 25.11
N PHE H 55 44.75 -47.52 24.07
CA PHE H 55 45.44 -46.22 24.22
C PHE H 55 44.53 -45.00 24.01
N ASP H 56 43.24 -45.15 24.31
CA ASP H 56 42.29 -44.04 24.19
C ASP H 56 42.51 -43.04 25.32
N VAL H 57 42.76 -41.79 24.94
CA VAL H 57 43.11 -40.74 25.91
C VAL H 57 41.88 -40.01 26.46
N ASP H 58 40.71 -40.31 25.89
CA ASP H 58 39.44 -39.73 26.35
C ASP H 58 38.73 -40.70 27.28
N ASP H 59 37.86 -40.17 28.15
CA ASP H 59 37.10 -41.00 29.07
C ASP H 59 36.18 -41.94 28.28
N LYS H 60 35.78 -43.05 28.91
CA LYS H 60 34.64 -43.82 28.44
C LYS H 60 33.42 -42.98 28.81
N GLU H 61 32.24 -43.36 28.33
CA GLU H 61 31.04 -42.55 28.53
C GLU H 61 30.54 -42.66 29.97
N HIS H 62 30.35 -41.50 30.61
CA HIS H 62 29.85 -41.41 31.99
C HIS H 62 28.39 -41.86 32.08
N GLY H 63 27.87 -41.87 33.31
CA GLY H 63 26.46 -42.13 33.56
C GLY H 63 25.60 -40.94 33.17
N LYS H 64 24.38 -41.24 32.72
CA LYS H 64 23.45 -40.24 32.21
C LYS H 64 22.02 -40.60 32.63
N PRO H 65 21.12 -39.61 32.70
CA PRO H 65 19.74 -39.89 33.14
C PRO H 65 18.99 -40.77 32.14
N PRO H 66 17.94 -41.44 32.61
CA PRO H 66 17.20 -42.33 31.73
C PRO H 66 16.29 -41.55 30.77
N LYS H 67 16.18 -42.03 29.53
CA LYS H 67 15.28 -41.41 28.56
C LYS H 67 13.83 -41.56 29.03
N ARG H 68 13.12 -40.45 29.09
CA ARG H 68 11.73 -40.43 29.57
C ARG H 68 10.76 -41.00 28.53
N TYR H 69 11.21 -41.04 27.27
CA TYR H 69 10.46 -41.68 26.17
C TYR H 69 11.42 -42.06 25.05
N GLU H 70 11.11 -43.11 24.31
CA GLU H 70 12.02 -43.64 23.29
C GLU H 70 11.84 -42.90 21.95
N ASP H 71 12.86 -42.97 21.10
CA ASP H 71 12.78 -42.38 19.77
C ASP H 71 11.65 -43.01 18.96
N ALA H 72 11.57 -44.33 18.95
CA ALA H 72 10.49 -45.02 18.23
C ALA H 72 9.12 -44.78 18.88
N GLU H 73 9.10 -44.33 20.13
CA GLU H 73 7.86 -44.01 20.83
C GLU H 73 7.27 -42.70 20.32
N LEU H 74 8.15 -41.79 19.89
CA LEU H 74 7.75 -40.51 19.29
C LEU H 74 7.28 -40.75 17.87
N GLN H 75 8.10 -41.44 17.10
CA GLN H 75 7.77 -41.83 15.72
C GLN H 75 6.40 -42.50 15.56
N ALA H 76 5.96 -43.20 16.60
CA ALA H 76 4.64 -43.86 16.59
C ALA H 76 3.49 -42.85 16.55
N LEU H 77 3.68 -41.70 17.20
CA LEU H 77 2.72 -40.60 17.15
C LEU H 77 2.64 -39.99 15.76
N LEU H 78 3.81 -39.69 15.18
CA LEU H 78 3.88 -39.12 13.84
C LEU H 78 3.31 -40.07 12.79
N ASP H 79 3.40 -41.38 13.01
CA ASP H 79 2.82 -42.35 12.08
C ASP H 79 1.31 -42.14 11.89
N GLU H 80 0.60 -41.98 13.01
CA GLU H 80 -0.84 -41.78 12.96
C GLU H 80 -1.22 -40.35 12.52
N ASP H 81 -0.42 -39.35 12.90
CA ASP H 81 -0.66 -37.95 12.50
C ASP H 81 0.64 -37.18 12.22
N ASP H 82 1.06 -37.25 10.96
CA ASP H 82 2.18 -36.49 10.38
C ASP H 82 2.38 -35.09 10.96
N ALA H 83 1.29 -34.34 11.10
CA ALA H 83 1.34 -32.93 11.40
C ALA H 83 0.70 -32.57 12.74
N GLN H 84 1.53 -32.47 13.76
CA GLN H 84 1.08 -31.99 15.07
C GLN H 84 2.06 -30.92 15.49
N THR H 85 1.72 -30.18 16.55
CA THR H 85 2.65 -29.20 17.09
C THR H 85 3.57 -29.86 18.09
N GLN H 86 4.71 -29.22 18.36
CA GLN H 86 5.64 -29.76 19.34
C GLN H 86 4.95 -29.89 20.70
N LYS H 87 4.25 -28.85 21.11
CA LYS H 87 3.56 -28.87 22.39
C LYS H 87 2.41 -29.90 22.43
N GLN H 88 1.88 -30.26 21.26
CA GLN H 88 0.88 -31.34 21.18
C GLN H 88 1.50 -32.70 21.41
N LEU H 89 2.70 -32.88 20.86
CA LEU H 89 3.44 -34.12 21.04
C LEU H 89 3.96 -34.19 22.49
N ALA H 90 4.60 -33.12 22.92
CA ALA H 90 5.09 -33.00 24.29
C ALA H 90 4.02 -33.37 25.32
N GLU H 91 2.79 -32.93 25.07
CA GLU H 91 1.67 -33.21 25.96
C GLU H 91 1.36 -34.70 26.02
N GLN H 92 1.46 -35.40 24.88
CA GLN H 92 1.19 -36.83 24.80
C GLN H 92 2.31 -37.67 25.39
N LEU H 93 3.52 -37.08 25.45
CA LEU H 93 4.71 -37.73 25.98
C LEU H 93 5.03 -37.34 27.42
N GLU H 94 4.10 -36.66 28.10
CA GLU H 94 4.29 -36.24 29.48
C GLU H 94 5.63 -35.49 29.63
N VAL H 95 5.95 -34.66 28.64
CA VAL H 95 7.26 -34.02 28.57
C VAL H 95 7.07 -32.55 28.18
N SER H 96 8.15 -31.76 28.14
CA SER H 96 8.04 -30.34 27.76
C SER H 96 8.16 -30.19 26.23
N GLN H 97 7.87 -28.99 25.75
CA GLN H 97 7.92 -28.74 24.31
C GLN H 97 9.34 -28.83 23.78
N GLN H 98 10.26 -28.11 24.42
CA GLN H 98 11.62 -28.00 23.86
C GLN H 98 12.34 -29.33 23.88
N ALA H 99 11.97 -30.21 24.80
CA ALA H 99 12.45 -31.58 24.77
C ALA H 99 12.15 -32.20 23.41
N VAL H 100 10.94 -31.96 22.90
CA VAL H 100 10.50 -32.54 21.63
C VAL H 100 11.22 -31.91 20.44
N SER H 101 11.52 -30.61 20.53
CA SER H 101 12.36 -29.96 19.52
C SER H 101 13.66 -30.76 19.34
N ASN H 102 14.37 -30.94 20.45
CA ASN H 102 15.64 -31.65 20.44
C ASN H 102 15.55 -33.06 19.83
N ARG H 103 14.64 -33.89 20.33
CA ARG H 103 14.49 -35.26 19.80
C ARG H 103 14.24 -35.28 18.31
N LEU H 104 13.58 -34.24 17.81
CA LEU H 104 13.23 -34.17 16.40
C LEU H 104 14.46 -33.87 15.56
N ARG H 105 15.27 -32.89 15.97
CA ARG H 105 16.53 -32.63 15.26
C ARG H 105 17.54 -33.74 15.52
N GLU H 106 17.39 -34.44 16.64
CA GLU H 106 18.24 -35.58 16.99
C GLU H 106 17.92 -36.75 16.06
N MET H 107 16.63 -37.04 15.87
CA MET H 107 16.20 -37.90 14.77
C MET H 107 16.33 -37.14 13.45
N GLY H 108 16.02 -37.78 12.34
CA GLY H 108 16.20 -37.13 11.04
C GLY H 108 15.15 -36.12 10.62
N LYS H 109 14.29 -35.68 11.54
CA LYS H 109 13.04 -34.98 11.18
C LYS H 109 13.20 -33.48 10.90
N ILE H 110 12.52 -33.03 9.83
CA ILE H 110 12.34 -31.60 9.53
C ILE H 110 10.86 -31.26 9.42
N GLN H 111 10.58 -29.96 9.36
CA GLN H 111 9.22 -29.43 9.23
C GLN H 111 9.04 -28.82 7.84
N LYS H 112 8.17 -29.42 7.04
CA LYS H 112 7.87 -28.91 5.70
C LYS H 112 6.37 -28.76 5.51
N VAL H 113 5.96 -27.69 4.81
CA VAL H 113 4.54 -27.35 4.67
C VAL H 113 3.84 -28.23 3.65
N GLY H 114 2.57 -28.50 3.93
CA GLY H 114 1.74 -29.32 3.06
C GLY H 114 1.44 -28.66 1.73
N ARG H 115 1.10 -29.49 0.75
CA ARG H 115 0.79 -29.03 -0.58
C ARG H 115 -0.68 -28.65 -0.63
N TRP H 116 -1.00 -27.59 -1.38
CA TRP H 116 -2.39 -27.27 -1.68
C TRP H 116 -2.83 -28.19 -2.80
N VAL H 117 -4.09 -28.61 -2.76
CA VAL H 117 -4.63 -29.49 -3.79
C VAL H 117 -5.99 -28.96 -4.25
N PRO H 118 -6.25 -28.97 -5.57
CA PRO H 118 -7.39 -28.28 -6.19
C PRO H 118 -8.77 -28.45 -5.54
N HIS H 119 -9.14 -29.67 -5.14
CA HIS H 119 -10.49 -29.91 -4.64
C HIS H 119 -10.60 -31.13 -3.73
N GLU H 120 -11.63 -31.12 -2.88
CA GLU H 120 -11.93 -32.26 -2.00
C GLU H 120 -12.76 -33.27 -2.79
N LEU H 121 -12.08 -34.22 -3.43
CA LEU H 121 -12.76 -35.17 -4.31
C LEU H 121 -13.51 -36.21 -3.50
N ASN H 122 -14.57 -36.76 -4.08
CA ASN H 122 -15.27 -37.90 -3.51
C ASN H 122 -14.75 -39.16 -4.17
N GLU H 123 -15.33 -40.31 -3.82
CA GLU H 123 -14.99 -41.56 -4.51
C GLU H 123 -15.54 -41.53 -5.94
N ARG H 124 -16.61 -40.76 -6.13
CA ARG H 124 -17.18 -40.48 -7.46
C ARG H 124 -16.16 -39.91 -8.46
N GLN H 125 -15.67 -38.70 -8.18
CA GLN H 125 -14.72 -38.02 -9.07
C GLN H 125 -13.44 -38.85 -9.27
N MET H 126 -13.00 -39.51 -8.20
CA MET H 126 -11.78 -40.33 -8.23
C MET H 126 -11.90 -41.50 -9.21
N GLU H 127 -13.04 -42.16 -9.21
CA GLU H 127 -13.27 -43.25 -10.15
C GLU H 127 -13.33 -42.75 -11.59
N ARG H 128 -14.00 -41.62 -11.81
CA ARG H 128 -14.08 -41.02 -13.15
C ARG H 128 -12.67 -40.74 -13.66
N ARG H 129 -11.93 -39.92 -12.92
CA ARG H 129 -10.55 -39.58 -13.26
C ARG H 129 -9.74 -40.84 -13.56
N LYS H 130 -9.76 -41.79 -12.62
CA LYS H 130 -9.01 -43.04 -12.74
C LYS H 130 -9.32 -43.77 -14.05
N ASN H 131 -10.60 -43.90 -14.35
CA ASN H 131 -11.07 -44.62 -15.53
C ASN H 131 -10.68 -43.88 -16.81
N THR H 132 -10.91 -42.57 -16.83
CA THR H 132 -10.52 -41.72 -17.94
C THR H 132 -9.05 -41.94 -18.27
N CYS H 133 -8.19 -41.76 -17.27
CA CYS H 133 -6.74 -41.95 -17.44
C CYS H 133 -6.43 -43.38 -17.87
N GLU H 134 -7.11 -44.36 -17.27
CA GLU H 134 -6.98 -45.76 -17.68
C GLU H 134 -7.30 -45.94 -19.16
N ILE H 135 -8.34 -45.25 -19.63
CA ILE H 135 -8.75 -45.31 -21.04
C ILE H 135 -7.74 -44.59 -21.92
N LEU H 136 -7.42 -43.34 -21.59
CA LEU H 136 -6.48 -42.54 -22.38
C LEU H 136 -5.11 -43.20 -22.51
N LEU H 137 -4.73 -43.96 -21.48
CA LEU H 137 -3.45 -44.64 -21.46
C LEU H 137 -3.45 -45.81 -22.43
N SER H 138 -4.42 -46.70 -22.28
CA SER H 138 -4.53 -47.90 -23.13
C SER H 138 -4.44 -47.56 -24.61
N ARG H 139 -5.11 -46.47 -25.01
CA ARG H 139 -5.07 -45.98 -26.39
C ARG H 139 -3.66 -45.53 -26.78
N TYR H 140 -2.99 -44.80 -25.90
CA TYR H 140 -1.60 -44.38 -26.12
C TYR H 140 -0.64 -45.58 -26.24
N LYS H 141 -0.97 -46.67 -25.55
CA LYS H 141 -0.19 -47.91 -25.62
C LYS H 141 -0.20 -48.43 -27.05
N ARG H 142 -1.39 -48.58 -27.60
CA ARG H 142 -1.60 -49.04 -28.97
C ARG H 142 -0.98 -48.03 -29.95
N LYS H 143 -1.51 -46.81 -29.94
CA LYS H 143 -1.08 -45.75 -30.87
C LYS H 143 -0.77 -44.45 -30.13
N SER H 144 0.41 -43.88 -30.35
CA SER H 144 0.76 -42.57 -29.78
C SER H 144 0.06 -41.44 -30.55
N PHE H 145 -0.92 -40.81 -29.91
CA PHE H 145 -1.79 -39.83 -30.57
C PHE H 145 -1.55 -38.37 -30.16
N LEU H 146 -0.49 -38.12 -29.41
CA LEU H 146 -0.21 -36.78 -28.88
C LEU H 146 0.17 -35.77 -29.96
N HIS H 147 0.77 -36.26 -31.04
CA HIS H 147 1.02 -35.43 -32.23
C HIS H 147 -0.26 -34.78 -32.77
N ARG H 148 -1.41 -35.45 -32.62
CA ARG H 148 -2.71 -34.95 -33.10
C ARG H 148 -3.43 -34.05 -32.09
N ILE H 149 -2.92 -33.99 -30.87
CA ILE H 149 -3.63 -33.32 -29.77
C ILE H 149 -3.44 -31.81 -29.87
N VAL H 150 -4.53 -31.07 -29.72
CA VAL H 150 -4.51 -29.61 -29.61
C VAL H 150 -5.39 -29.23 -28.43
N THR H 151 -4.88 -28.35 -27.57
CA THR H 151 -5.56 -28.02 -26.33
C THR H 151 -5.54 -26.53 -26.07
N GLY H 152 -6.35 -26.12 -25.11
CA GLY H 152 -6.41 -24.73 -24.71
C GLY H 152 -7.23 -24.59 -23.45
N ASP H 153 -7.16 -23.40 -22.85
CA ASP H 153 -7.87 -23.10 -21.63
C ASP H 153 -7.76 -21.58 -21.49
N GLU H 154 -8.36 -21.03 -20.44
CA GLU H 154 -8.39 -19.59 -20.26
C GLU H 154 -7.91 -19.24 -18.86
N LYS H 155 -7.19 -18.13 -18.75
CA LYS H 155 -6.49 -17.77 -17.53
C LYS H 155 -6.49 -16.27 -17.30
N TRP H 156 -6.97 -15.84 -16.13
CA TRP H 156 -6.94 -14.42 -15.76
C TRP H 156 -5.52 -13.92 -15.65
N ILE H 157 -5.25 -12.73 -16.16
CA ILE H 157 -3.97 -12.07 -15.96
C ILE H 157 -4.23 -10.72 -15.30
N PHE H 158 -3.78 -10.58 -14.06
CA PHE H 158 -3.98 -9.35 -13.32
C PHE H 158 -2.92 -8.33 -13.69
N PHE H 159 -3.28 -7.05 -13.66
CA PHE H 159 -2.37 -5.97 -14.05
C PHE H 159 -1.30 -5.79 -12.99
N VAL H 160 -1.68 -6.10 -11.74
CA VAL H 160 -0.76 -6.04 -10.61
C VAL H 160 -0.86 -7.34 -9.81
N ASN H 161 0.23 -8.12 -9.83
CA ASN H 161 0.34 -9.34 -9.04
C ASN H 161 1.59 -9.27 -8.16
N PRO H 162 1.45 -8.63 -6.99
CA PRO H 162 2.59 -8.43 -6.10
C PRO H 162 2.88 -9.70 -5.35
N LYS H 163 4.17 -9.98 -5.17
CA LYS H 163 4.59 -11.14 -4.38
C LYS H 163 5.20 -10.62 -3.09
N ARG H 164 5.06 -11.39 -2.02
CA ARG H 164 5.58 -10.96 -0.73
C ARG H 164 7.10 -10.97 -0.79
N LYS H 165 7.71 -9.87 -0.35
CA LYS H 165 9.17 -9.77 -0.37
C LYS H 165 9.72 -10.64 0.75
N LYS H 166 10.95 -11.13 0.56
CA LYS H 166 11.65 -11.85 1.61
C LYS H 166 13.09 -11.33 1.66
N SER H 167 13.40 -10.64 2.76
CA SER H 167 14.60 -9.83 2.88
C SER H 167 15.64 -10.51 3.76
N TYR H 168 16.92 -10.22 3.49
CA TYR H 168 18.05 -10.70 4.30
C TYR H 168 18.48 -9.62 5.29
N VAL H 169 18.26 -9.88 6.58
CA VAL H 169 18.53 -8.89 7.60
C VAL H 169 18.87 -9.52 8.97
N ASP H 170 19.52 -8.74 9.83
CA ASP H 170 19.85 -9.17 11.20
C ASP H 170 18.59 -9.34 12.04
N PRO H 171 18.56 -10.37 12.91
CA PRO H 171 17.34 -10.72 13.63
C PRO H 171 16.67 -9.56 14.36
N GLY H 172 15.35 -9.62 14.50
CA GLY H 172 14.57 -8.59 15.17
C GLY H 172 14.30 -7.34 14.34
N GLN H 173 15.03 -7.20 13.23
CA GLN H 173 14.87 -6.10 12.28
C GLN H 173 13.70 -6.41 11.34
N PRO H 174 12.88 -5.39 10.98
CA PRO H 174 11.73 -5.64 10.11
C PRO H 174 12.10 -5.82 8.64
N ALA H 175 11.37 -6.71 7.94
CA ALA H 175 11.58 -6.94 6.52
C ALA H 175 10.69 -6.02 5.67
N THR H 176 10.95 -5.99 4.37
CA THR H 176 10.24 -5.11 3.44
C THR H 176 8.80 -5.59 3.21
N SER H 177 7.84 -4.72 3.50
CA SER H 177 6.42 -5.06 3.33
C SER H 177 5.91 -4.69 1.94
N THR H 178 4.88 -5.42 1.50
CA THR H 178 4.29 -5.22 0.18
C THR H 178 2.79 -5.05 0.31
N ALA H 179 2.23 -4.22 -0.56
CA ALA H 179 0.81 -3.91 -0.58
C ALA H 179 0.00 -5.11 -1.04
N ARG H 180 -1.12 -5.38 -0.38
CA ARG H 180 -1.99 -6.50 -0.75
C ARG H 180 -2.61 -6.30 -2.14
N PRO H 181 -3.02 -7.42 -2.77
CA PRO H 181 -3.65 -7.37 -4.09
C PRO H 181 -5.16 -7.26 -3.95
N ASN H 182 -5.76 -6.15 -4.42
CA ASN H 182 -7.23 -6.00 -4.31
C ASN H 182 -7.96 -6.81 -5.38
N ARG H 183 -8.64 -7.86 -4.94
CA ARG H 183 -9.30 -8.81 -5.84
C ARG H 183 -10.02 -8.13 -7.01
N PHE H 184 -10.78 -7.09 -6.68
CA PHE H 184 -11.53 -6.33 -7.67
C PHE H 184 -10.58 -5.33 -8.33
N GLY H 185 -9.71 -5.84 -9.20
CA GLY H 185 -8.70 -5.04 -9.86
C GLY H 185 -8.59 -5.40 -11.33
N LYS H 186 -7.94 -4.53 -12.09
CA LYS H 186 -7.85 -4.67 -13.54
C LYS H 186 -7.22 -6.01 -13.91
N LYS H 187 -7.87 -6.72 -14.84
CA LYS H 187 -7.42 -8.04 -15.28
C LYS H 187 -7.92 -8.41 -16.67
N THR H 188 -7.01 -8.63 -17.60
CA THR H 188 -7.37 -9.20 -18.90
C THR H 188 -7.68 -10.67 -18.72
N MET H 189 -8.11 -11.36 -19.77
CA MET H 189 -8.54 -12.75 -19.63
C MET H 189 -8.11 -13.60 -20.82
N LEU H 190 -6.79 -13.72 -20.98
CA LEU H 190 -6.15 -14.57 -21.99
C LEU H 190 -6.83 -15.93 -22.24
N CYS H 191 -7.09 -16.22 -23.51
CA CYS H 191 -7.55 -17.52 -23.96
C CYS H 191 -6.54 -18.05 -24.94
N VAL H 192 -6.11 -19.30 -24.77
CA VAL H 192 -5.04 -19.82 -25.61
C VAL H 192 -5.13 -21.30 -25.89
N TRP H 193 -4.88 -21.62 -27.17
CA TRP H 193 -4.88 -22.97 -27.69
C TRP H 193 -3.52 -23.20 -28.33
N TRP H 194 -3.00 -24.42 -28.18
CA TRP H 194 -1.64 -24.75 -28.59
C TRP H 194 -1.50 -26.25 -28.77
N ASP H 195 -0.40 -26.66 -29.40
CA ASP H 195 -0.12 -28.08 -29.62
C ASP H 195 1.36 -28.36 -29.37
N GLN H 196 1.79 -29.59 -29.61
CA GLN H 196 3.18 -29.95 -29.33
C GLN H 196 4.20 -29.13 -30.13
N SER H 197 3.82 -28.65 -31.32
CA SER H 197 4.75 -27.86 -32.15
C SER H 197 4.77 -26.37 -31.80
N GLY H 198 3.84 -25.92 -30.96
CA GLY H 198 3.82 -24.51 -30.52
C GLY H 198 2.45 -23.95 -30.16
N VAL H 199 2.38 -22.64 -30.02
CA VAL H 199 1.09 -21.95 -29.80
C VAL H 199 0.40 -21.66 -31.14
N ILE H 200 -0.86 -22.03 -31.22
CA ILE H 200 -1.63 -21.91 -32.45
C ILE H 200 -2.24 -20.51 -32.56
N TYR H 201 -3.10 -20.19 -31.60
CA TYR H 201 -3.93 -18.99 -31.66
C TYR H 201 -4.33 -18.56 -30.24
N TYR H 202 -4.33 -17.25 -30.01
CA TYR H 202 -4.70 -16.74 -28.71
C TYR H 202 -5.43 -15.40 -28.80
N GLU H 203 -6.35 -15.19 -27.87
CA GLU H 203 -7.10 -13.94 -27.76
C GLU H 203 -6.99 -13.41 -26.34
N LEU H 204 -6.54 -12.16 -26.23
CA LEU H 204 -6.53 -11.46 -24.94
C LEU H 204 -7.73 -10.53 -24.80
N LEU H 205 -8.76 -10.98 -24.10
CA LEU H 205 -9.97 -10.19 -23.91
C LEU H 205 -9.70 -8.86 -23.20
N LYS H 206 -10.64 -7.92 -23.30
CA LYS H 206 -10.46 -6.57 -22.73
C LYS H 206 -10.84 -6.63 -21.24
N PRO H 207 -10.31 -5.67 -20.45
CA PRO H 207 -10.61 -5.63 -19.02
C PRO H 207 -12.08 -5.90 -18.71
N GLY H 208 -12.34 -6.95 -17.93
CA GLY H 208 -13.69 -7.28 -17.51
C GLY H 208 -14.43 -8.21 -18.46
N GLU H 209 -14.01 -8.23 -19.73
CA GLU H 209 -14.67 -9.07 -20.74
C GLU H 209 -14.40 -10.56 -20.47
N THR H 210 -15.39 -11.39 -20.75
CA THR H 210 -15.35 -12.81 -20.41
C THR H 210 -15.80 -13.67 -21.62
N VAL H 211 -16.15 -14.93 -21.35
CA VAL H 211 -16.46 -15.89 -22.41
C VAL H 211 -17.83 -16.55 -22.21
N ASN H 212 -18.79 -16.11 -23.02
CA ASN H 212 -20.10 -16.76 -23.10
C ASN H 212 -20.19 -17.63 -24.36
N ALA H 213 -21.08 -18.62 -24.33
CA ALA H 213 -21.22 -19.61 -25.41
C ALA H 213 -21.10 -19.04 -26.83
N ALA H 214 -21.57 -17.81 -27.02
CA ALA H 214 -21.47 -17.12 -28.31
C ALA H 214 -20.03 -16.75 -28.65
N ARG H 215 -19.37 -16.09 -27.69
CA ARG H 215 -17.99 -15.63 -27.89
C ARG H 215 -17.02 -16.81 -28.12
N TYR H 216 -17.28 -17.92 -27.44
CA TYR H 216 -16.43 -19.11 -27.54
C TYR H 216 -16.58 -19.78 -28.91
N GLN H 217 -17.83 -19.94 -29.34
CA GLN H 217 -18.17 -20.42 -30.68
C GLN H 217 -17.40 -19.65 -31.75
N GLN H 218 -17.39 -18.33 -31.60
CA GLN H 218 -16.68 -17.43 -32.51
C GLN H 218 -15.17 -17.64 -32.45
N GLN H 219 -14.68 -18.06 -31.28
CA GLN H 219 -13.26 -18.36 -31.09
C GLN H 219 -12.84 -19.66 -31.77
N LEU H 220 -13.63 -20.71 -31.59
CA LEU H 220 -13.37 -22.00 -32.24
C LEU H 220 -13.12 -21.92 -33.74
N ILE H 221 -13.81 -20.98 -34.40
CA ILE H 221 -13.70 -20.78 -35.84
C ILE H 221 -12.47 -19.93 -36.16
N ASN H 222 -12.34 -18.80 -35.48
CA ASN H 222 -11.14 -17.96 -35.57
C ASN H 222 -9.87 -18.80 -35.40
N LEU H 223 -9.94 -19.75 -34.45
CA LEU H 223 -8.92 -20.77 -34.24
C LEU H 223 -8.69 -21.57 -35.52
N ASN H 224 -9.71 -22.34 -35.91
CA ASN H 224 -9.62 -23.24 -37.06
C ASN H 224 -9.08 -22.58 -38.33
N ARG H 225 -9.39 -21.30 -38.53
CA ARG H 225 -8.80 -20.51 -39.60
C ARG H 225 -7.29 -20.47 -39.43
N ALA H 226 -6.88 -19.91 -38.29
CA ALA H 226 -5.47 -19.74 -37.97
C ALA H 226 -4.75 -21.08 -37.91
N LEU H 227 -5.49 -22.13 -37.53
CA LEU H 227 -4.98 -23.48 -37.47
C LEU H 227 -4.68 -24.03 -38.86
N GLN H 228 -5.60 -23.81 -39.81
CA GLN H 228 -5.43 -24.22 -41.20
C GLN H 228 -4.15 -23.66 -41.82
N ARG H 229 -3.91 -22.37 -41.62
CA ARG H 229 -2.73 -21.70 -42.18
C ARG H 229 -1.44 -21.90 -41.38
N LYS H 230 -1.56 -22.33 -40.12
CA LYS H 230 -0.40 -22.61 -39.28
C LYS H 230 0.04 -24.07 -39.38
N ARG H 231 -0.93 -24.97 -39.46
CA ARG H 231 -0.68 -26.40 -39.55
C ARG H 231 -1.14 -26.96 -40.90
N PRO H 232 -0.22 -27.00 -41.90
CA PRO H 232 -0.55 -27.51 -43.23
C PRO H 232 -1.16 -28.91 -43.22
N GLU H 233 -0.54 -29.83 -42.46
CA GLU H 233 -0.99 -31.22 -42.35
C GLU H 233 -2.44 -31.42 -41.85
N TYR H 234 -3.17 -30.32 -41.67
CA TYR H 234 -4.52 -30.36 -41.12
C TYR H 234 -5.62 -30.33 -42.17
N GLN H 235 -5.50 -29.43 -43.15
CA GLN H 235 -6.57 -29.19 -44.13
C GLN H 235 -7.10 -30.49 -44.75
N LYS H 236 -6.21 -31.42 -45.04
CA LYS H 236 -6.58 -32.75 -45.53
C LYS H 236 -7.23 -33.58 -44.42
N ARG H 237 -6.59 -33.59 -43.26
CA ARG H 237 -7.02 -34.42 -42.12
C ARG H 237 -7.86 -33.59 -41.15
N GLN H 238 -8.94 -33.00 -41.68
CA GLN H 238 -9.82 -32.13 -40.90
C GLN H 238 -10.60 -32.88 -39.82
N HIS H 239 -10.70 -34.20 -39.94
CA HIS H 239 -11.45 -35.01 -38.98
C HIS H 239 -10.53 -35.66 -37.93
N ARG H 240 -9.21 -35.49 -38.10
CA ARG H 240 -8.22 -36.17 -37.26
C ARG H 240 -7.71 -35.36 -36.07
N VAL H 241 -8.15 -34.12 -35.93
CA VAL H 241 -7.73 -33.26 -34.83
C VAL H 241 -8.42 -33.62 -33.51
N ILE H 242 -7.62 -33.84 -32.46
CA ILE H 242 -8.10 -34.19 -31.13
C ILE H 242 -8.10 -32.96 -30.21
N PHE H 243 -9.26 -32.63 -29.65
CA PHE H 243 -9.42 -31.40 -28.86
C PHE H 243 -9.61 -31.71 -27.38
N LEU H 244 -8.76 -31.08 -26.56
CA LEU H 244 -8.75 -31.27 -25.11
C LEU H 244 -9.01 -29.94 -24.41
N HIS H 245 -10.08 -29.89 -23.60
CA HIS H 245 -10.48 -28.64 -22.94
C HIS H 245 -11.30 -28.89 -21.67
N ALA H 246 -11.52 -27.82 -20.91
CA ALA H 246 -12.23 -27.89 -19.62
C ALA H 246 -13.74 -28.07 -19.77
N ASN H 247 -14.38 -28.64 -18.74
CA ASN H 247 -15.83 -28.89 -18.72
C ASN H 247 -16.61 -27.70 -18.14
N ALA H 248 -16.36 -26.50 -18.65
CA ALA H 248 -17.05 -25.28 -18.17
C ALA H 248 -18.48 -25.23 -18.75
N PRO H 249 -19.32 -24.30 -18.26
CA PRO H 249 -20.67 -24.22 -18.79
C PRO H 249 -20.70 -23.75 -20.26
N SER H 250 -19.89 -22.75 -20.59
CA SER H 250 -19.79 -22.26 -21.98
C SER H 250 -19.00 -23.24 -22.87
N HIS H 251 -18.44 -24.29 -22.27
CA HIS H 251 -17.78 -25.38 -23.00
C HIS H 251 -18.73 -26.56 -23.21
N THR H 252 -20.00 -26.40 -22.87
CA THR H 252 -21.01 -27.45 -23.10
C THR H 252 -22.35 -26.97 -23.70
N ALA H 253 -22.55 -25.66 -23.81
CA ALA H 253 -23.79 -25.09 -24.37
C ALA H 253 -24.03 -25.57 -25.79
N ARG H 254 -25.30 -25.67 -26.19
CA ARG H 254 -25.67 -26.23 -27.49
C ARG H 254 -24.97 -25.54 -28.67
N ALA H 255 -24.94 -24.22 -28.63
CA ALA H 255 -24.34 -23.42 -29.72
C ALA H 255 -22.89 -23.78 -30.04
N VAL H 256 -22.17 -24.27 -29.03
CA VAL H 256 -20.77 -24.68 -29.16
C VAL H 256 -20.67 -26.17 -29.40
N ARG H 257 -21.32 -26.93 -28.53
CA ARG H 257 -21.50 -28.37 -28.66
C ARG H 257 -21.82 -28.76 -30.11
N ASP H 258 -22.60 -27.89 -30.75
CA ASP H 258 -22.85 -27.96 -32.19
C ASP H 258 -21.58 -27.74 -33.00
N THR H 259 -20.99 -26.55 -32.86
CA THR H 259 -19.82 -26.11 -33.63
C THR H 259 -18.69 -27.14 -33.71
N LEU H 260 -18.61 -28.04 -32.74
CA LEU H 260 -17.57 -29.08 -32.72
C LEU H 260 -17.95 -30.28 -33.57
N GLU H 261 -19.25 -30.53 -33.69
CA GLU H 261 -19.75 -31.55 -34.60
C GLU H 261 -19.47 -31.14 -36.06
N THR H 262 -19.71 -29.87 -36.37
CA THR H 262 -19.51 -29.35 -37.73
C THR H 262 -18.03 -29.21 -38.09
N LEU H 263 -17.20 -28.84 -37.12
CA LEU H 263 -15.73 -28.85 -37.28
C LEU H 263 -15.21 -30.27 -37.36
N ASN H 264 -15.94 -31.19 -36.73
CA ASN H 264 -15.66 -32.62 -36.79
C ASN H 264 -14.31 -32.93 -36.16
N TRP H 265 -14.17 -32.55 -34.90
CA TRP H 265 -13.00 -32.86 -34.09
C TRP H 265 -13.36 -33.98 -33.11
N GLU H 266 -12.36 -34.60 -32.47
CA GLU H 266 -12.65 -35.55 -31.39
C GLU H 266 -12.43 -34.89 -30.04
N VAL H 267 -13.52 -34.62 -29.33
CA VAL H 267 -13.41 -34.07 -27.96
C VAL H 267 -12.87 -35.13 -27.01
N LEU H 268 -11.72 -34.84 -26.42
CA LEU H 268 -11.08 -35.75 -25.48
C LEU H 268 -11.83 -35.76 -24.16
N PRO H 269 -11.92 -36.93 -23.50
CA PRO H 269 -12.54 -36.98 -22.17
C PRO H 269 -11.69 -36.22 -21.17
N HIS H 270 -12.32 -35.36 -20.37
CA HIS H 270 -11.61 -34.62 -19.32
C HIS H 270 -12.45 -34.64 -18.05
N ALA H 271 -11.94 -35.34 -17.04
CA ALA H 271 -12.69 -35.56 -15.79
C ALA H 271 -12.91 -34.27 -14.99
N ALA H 272 -13.75 -34.38 -13.97
CA ALA H 272 -14.10 -33.23 -13.15
C ALA H 272 -12.94 -32.85 -12.23
N TYR H 273 -12.65 -31.56 -12.17
CA TYR H 273 -11.65 -30.99 -11.26
C TYR H 273 -10.25 -31.57 -11.49
N SER H 274 -9.81 -31.52 -12.74
CA SER H 274 -8.55 -32.16 -13.12
C SER H 274 -7.55 -31.23 -13.80
N PRO H 275 -7.17 -30.13 -13.13
CA PRO H 275 -6.14 -29.25 -13.69
C PRO H 275 -4.82 -29.96 -13.92
N ASP H 276 -4.51 -30.92 -13.04
CA ASP H 276 -3.28 -31.70 -13.12
C ASP H 276 -3.19 -32.62 -14.33
N LEU H 277 -4.28 -32.77 -15.09
CA LEU H 277 -4.26 -33.50 -16.36
C LEU H 277 -4.39 -32.56 -17.54
N ALA H 278 -4.41 -31.25 -17.28
CA ALA H 278 -4.67 -30.25 -18.30
C ALA H 278 -3.39 -29.50 -18.69
N PRO H 279 -2.72 -29.94 -19.77
CA PRO H 279 -1.46 -29.31 -20.16
C PRO H 279 -1.43 -27.81 -19.94
N SER H 280 -2.37 -27.10 -20.52
CA SER H 280 -2.39 -25.65 -20.41
C SER H 280 -2.26 -25.19 -18.93
N ASP H 281 -2.95 -25.86 -18.02
CA ASP H 281 -2.90 -25.54 -16.59
C ASP H 281 -1.55 -25.90 -15.96
N TYR H 282 -1.23 -27.20 -15.92
CA TYR H 282 -0.02 -27.68 -15.22
C TYR H 282 1.33 -27.29 -15.85
N HIS H 283 1.36 -26.96 -17.14
CA HIS H 283 2.62 -26.73 -17.85
C HIS H 283 2.75 -25.32 -18.42
N LEU H 284 1.75 -24.89 -19.18
CA LEU H 284 1.82 -23.60 -19.87
C LEU H 284 1.62 -22.44 -18.91
N PHE H 285 0.47 -22.45 -18.23
CA PHE H 285 0.12 -21.39 -17.29
C PHE H 285 1.03 -21.38 -16.06
N ALA H 286 1.34 -22.58 -15.57
CA ALA H 286 2.35 -22.78 -14.51
C ALA H 286 3.61 -22.00 -14.80
N SER H 287 4.23 -22.28 -15.94
CA SER H 287 5.42 -21.56 -16.34
C SER H 287 5.17 -20.08 -16.27
N MET H 288 4.04 -19.66 -16.85
CA MET H 288 3.71 -18.23 -16.95
C MET H 288 3.61 -17.62 -15.56
N GLY H 289 2.89 -18.31 -14.68
CA GLY H 289 2.80 -17.90 -13.27
C GLY H 289 4.10 -17.36 -12.71
N HIS H 290 5.21 -18.04 -13.00
CA HIS H 290 6.50 -17.56 -12.55
C HIS H 290 6.85 -16.24 -13.21
N ALA H 291 6.94 -16.25 -14.53
CA ALA H 291 7.26 -15.03 -15.28
C ALA H 291 6.41 -13.83 -14.86
N LEU H 292 5.15 -14.08 -14.50
CA LEU H 292 4.23 -13.02 -14.09
C LEU H 292 4.49 -12.49 -12.68
N ALA H 293 5.05 -13.31 -11.80
CA ALA H 293 5.27 -12.92 -10.41
C ALA H 293 5.96 -11.56 -10.32
N GLU H 294 5.49 -10.73 -9.39
CA GLU H 294 5.95 -9.34 -9.22
C GLU H 294 6.24 -8.62 -10.54
N GLN H 295 5.39 -8.87 -11.54
CA GLN H 295 5.41 -8.13 -12.81
C GLN H 295 4.26 -7.15 -12.75
N ARG H 296 4.46 -5.95 -13.27
CA ARG H 296 3.46 -4.90 -13.14
C ARG H 296 3.08 -4.28 -14.49
N PHE H 297 1.81 -4.43 -14.84
CA PHE H 297 1.28 -3.91 -16.10
C PHE H 297 0.40 -2.71 -15.83
N ASP H 298 0.67 -1.61 -16.53
CA ASP H 298 -0.14 -0.41 -16.42
C ASP H 298 -1.32 -0.41 -17.39
N SER H 299 -1.11 -0.90 -18.62
CA SER H 299 -2.14 -0.90 -19.66
C SER H 299 -2.24 -2.23 -20.42
N TYR H 300 -3.46 -2.56 -20.86
CA TYR H 300 -3.72 -3.71 -21.75
C TYR H 300 -2.67 -3.83 -22.86
N GLU H 301 -2.25 -2.70 -23.43
CA GLU H 301 -1.26 -2.70 -24.51
C GLU H 301 0.01 -3.42 -24.08
N SER H 302 0.54 -3.04 -22.93
CA SER H 302 1.76 -3.65 -22.40
C SER H 302 1.55 -5.14 -22.10
N VAL H 303 0.34 -5.52 -21.68
CA VAL H 303 0.03 -6.92 -21.41
C VAL H 303 0.12 -7.72 -22.70
N LYS H 304 -0.63 -7.32 -23.72
CA LYS H 304 -0.56 -8.00 -25.01
C LYS H 304 0.87 -8.02 -25.55
N LYS H 305 1.61 -6.92 -25.35
CA LYS H 305 2.98 -6.82 -25.84
C LYS H 305 3.92 -7.72 -25.05
N TRP H 306 3.59 -7.96 -23.78
CA TRP H 306 4.37 -8.87 -22.96
C TRP H 306 4.13 -10.31 -23.41
N LEU H 307 2.86 -10.71 -23.50
CA LEU H 307 2.48 -12.05 -23.98
C LEU H 307 3.30 -12.47 -25.19
N ASP H 308 3.36 -11.58 -26.19
CA ASP H 308 3.99 -11.89 -27.45
C ASP H 308 5.46 -12.14 -27.27
N GLU H 309 6.14 -11.24 -26.56
CA GLU H 309 7.57 -11.44 -26.25
C GLU H 309 7.80 -12.81 -25.61
N TRP H 310 6.97 -13.13 -24.62
CA TRP H 310 7.01 -14.40 -23.92
C TRP H 310 6.85 -15.59 -24.86
N PHE H 311 5.67 -15.72 -25.47
CA PHE H 311 5.36 -16.84 -26.37
C PHE H 311 6.47 -17.13 -27.36
N ALA H 312 7.10 -16.06 -27.85
CA ALA H 312 8.17 -16.15 -28.84
C ALA H 312 9.43 -16.78 -28.23
N ALA H 313 9.87 -16.23 -27.11
CA ALA H 313 11.08 -16.71 -26.44
C ALA H 313 11.07 -18.23 -26.28
N LYS H 314 9.93 -18.77 -25.91
CA LYS H 314 9.78 -20.21 -25.70
C LYS H 314 10.12 -21.03 -26.95
N ASP H 315 11.01 -22.01 -26.80
CA ASP H 315 11.34 -22.91 -27.89
C ASP H 315 10.17 -23.85 -28.15
N ASP H 316 10.11 -24.38 -29.36
CA ASP H 316 9.08 -25.34 -29.74
C ASP H 316 9.04 -26.50 -28.75
N GLU H 317 10.22 -26.98 -28.35
CA GLU H 317 10.30 -28.19 -27.54
C GLU H 317 9.71 -27.99 -26.13
N PHE H 318 9.70 -26.76 -25.62
CA PHE H 318 8.99 -26.49 -24.36
C PHE H 318 7.56 -26.98 -24.42
N TYR H 319 6.83 -26.59 -25.47
CA TYR H 319 5.43 -26.98 -25.63
C TYR H 319 5.33 -28.48 -25.91
N TRP H 320 6.22 -28.99 -26.76
CA TRP H 320 6.34 -30.43 -27.00
C TRP H 320 6.36 -31.19 -25.68
N ARG H 321 7.22 -30.72 -24.78
CA ARG H 321 7.45 -31.40 -23.52
C ARG H 321 6.17 -31.43 -22.71
N GLY H 322 5.50 -30.27 -22.61
CA GLY H 322 4.22 -30.16 -21.93
C GLY H 322 3.19 -31.19 -22.38
N ILE H 323 3.12 -31.44 -23.67
CA ILE H 323 2.13 -32.39 -24.22
C ILE H 323 2.56 -33.81 -23.92
N HIS H 324 3.84 -34.11 -24.12
CA HIS H 324 4.35 -35.46 -23.90
C HIS H 324 4.52 -35.83 -22.42
N LYS H 325 4.09 -34.96 -21.51
CA LYS H 325 3.98 -35.32 -20.11
C LYS H 325 2.67 -36.01 -19.81
N LEU H 326 1.67 -35.90 -20.67
CA LEU H 326 0.37 -36.52 -20.39
C LEU H 326 0.47 -37.99 -19.96
N PRO H 327 1.30 -38.80 -20.63
CA PRO H 327 1.32 -40.23 -20.30
C PRO H 327 1.73 -40.51 -18.86
N GLU H 328 2.83 -39.91 -18.42
CA GLU H 328 3.35 -40.16 -17.08
C GLU H 328 2.35 -39.66 -16.02
N ARG H 329 1.70 -38.55 -16.30
CA ARG H 329 0.67 -38.02 -15.42
C ARG H 329 -0.55 -38.96 -15.36
N TRP H 330 -0.89 -39.59 -16.48
CA TRP H 330 -1.98 -40.58 -16.49
C TRP H 330 -1.57 -41.80 -15.66
N GLU H 331 -0.31 -42.22 -15.78
CA GLU H 331 0.22 -43.34 -15.00
C GLU H 331 0.15 -43.08 -13.48
N LYS H 332 0.30 -41.83 -13.07
CA LYS H 332 0.15 -41.46 -11.68
C LYS H 332 -1.32 -41.32 -11.29
N CYS H 333 -2.10 -40.69 -12.15
CA CYS H 333 -3.54 -40.51 -11.94
C CYS H 333 -4.18 -41.85 -11.59
N VAL H 334 -3.88 -42.86 -12.39
CA VAL H 334 -4.39 -44.22 -12.16
C VAL H 334 -3.76 -44.82 -10.90
N ALA H 335 -2.43 -44.83 -10.84
CA ALA H 335 -1.72 -45.43 -9.72
C ALA H 335 -2.26 -44.93 -8.39
N SER H 336 -2.57 -43.64 -8.32
CA SER H 336 -3.11 -43.04 -7.10
C SER H 336 -4.59 -43.37 -6.86
N ASP H 337 -5.15 -44.25 -7.68
CA ASP H 337 -6.55 -44.64 -7.59
C ASP H 337 -7.50 -43.43 -7.62
N GLY H 338 -7.16 -42.47 -8.48
CA GLY H 338 -8.03 -41.32 -8.73
C GLY H 338 -7.70 -40.07 -7.96
N LYS H 339 -6.95 -40.20 -6.87
CA LYS H 339 -6.59 -39.04 -6.06
C LYS H 339 -5.64 -38.15 -6.82
N TYR H 340 -5.41 -36.95 -6.30
CA TYR H 340 -4.35 -36.10 -6.82
C TYR H 340 -3.01 -36.73 -6.46
N PHE H 341 -2.01 -36.51 -7.30
CA PHE H 341 -0.65 -37.01 -7.08
C PHE H 341 0.26 -35.82 -6.88
N GLU H 342 1.56 -36.05 -6.76
CA GLU H 342 2.52 -34.96 -6.51
C GLU H 342 2.61 -34.02 -7.71
N PHE I 1 -28.36 69.32 -57.52
CA PHE I 1 -28.90 68.05 -58.10
C PHE I 1 -28.62 66.91 -57.12
N VAL I 2 -29.63 66.07 -56.91
CA VAL I 2 -29.66 65.14 -55.77
C VAL I 2 -29.72 63.66 -56.20
N PRO I 3 -28.63 63.14 -56.78
CA PRO I 3 -28.59 61.70 -57.11
C PRO I 3 -28.05 60.89 -55.94
N ASN I 4 -28.45 59.62 -55.83
CA ASN I 4 -27.97 58.72 -54.76
C ASN I 4 -28.51 57.30 -54.88
N LYS I 5 -27.61 56.32 -54.94
CA LYS I 5 -27.97 54.89 -55.11
C LYS I 5 -29.20 54.49 -54.30
N GLU I 6 -29.28 54.98 -53.06
CA GLU I 6 -30.44 54.70 -52.21
C GLU I 6 -31.65 55.50 -52.67
N GLN I 7 -31.50 56.82 -52.77
CA GLN I 7 -32.61 57.73 -53.13
C GLN I 7 -33.23 57.40 -54.48
N THR I 8 -32.41 56.90 -55.41
CA THR I 8 -32.86 56.49 -56.74
C THR I 8 -33.82 55.31 -56.65
N ARG I 9 -33.42 54.26 -55.96
CA ARG I 9 -34.26 53.06 -55.82
C ARG I 9 -35.54 53.37 -55.05
N THR I 10 -35.50 54.37 -54.17
CA THR I 10 -36.70 54.86 -53.48
C THR I 10 -37.72 55.37 -54.51
N VAL I 11 -37.24 56.15 -55.48
CA VAL I 11 -38.09 56.68 -56.54
C VAL I 11 -38.67 55.54 -57.40
N LEU I 12 -37.90 54.48 -57.60
CA LEU I 12 -38.40 53.32 -58.36
C LEU I 12 -39.50 52.54 -57.63
N ILE I 13 -39.56 52.64 -56.31
CA ILE I 13 -40.67 52.08 -55.54
C ILE I 13 -41.91 52.95 -55.77
N PHE I 14 -41.67 54.25 -55.81
CA PHE I 14 -42.71 55.27 -55.99
C PHE I 14 -43.42 55.16 -57.33
N CYS I 15 -42.63 55.14 -58.40
CA CYS I 15 -43.17 54.97 -59.76
C CYS I 15 -43.90 53.63 -59.91
N PHE I 16 -43.34 52.58 -59.33
CA PHE I 16 -43.96 51.25 -59.33
C PHE I 16 -45.33 51.27 -58.66
N HIS I 17 -45.47 52.08 -57.62
CA HIS I 17 -46.74 52.22 -56.91
C HIS I 17 -47.74 53.17 -57.59
N LEU I 18 -47.25 54.01 -58.51
CA LEU I 18 -48.12 54.74 -59.44
C LEU I 18 -48.36 53.91 -60.71
N LYS I 19 -47.98 52.63 -60.67
CA LYS I 19 -48.17 51.69 -61.77
C LYS I 19 -47.62 52.18 -63.12
N LYS I 20 -46.58 53.00 -63.09
CA LYS I 20 -45.91 53.44 -64.32
C LYS I 20 -44.99 52.32 -64.79
N THR I 21 -44.61 52.36 -66.07
CA THR I 21 -43.79 51.28 -66.66
C THR I 21 -42.32 51.48 -66.31
N ALA I 22 -41.52 50.45 -66.53
CA ALA I 22 -40.08 50.55 -66.30
C ALA I 22 -39.50 51.67 -67.15
N ALA I 23 -39.62 51.53 -68.46
CA ALA I 23 -39.12 52.53 -69.41
C ALA I 23 -39.67 53.94 -69.13
N GLU I 24 -40.92 54.01 -68.68
CA GLU I 24 -41.56 55.29 -68.37
C GLU I 24 -40.92 55.95 -67.17
N SER I 25 -40.65 55.15 -66.13
CA SER I 25 -39.99 55.66 -64.92
C SER I 25 -38.59 56.16 -65.25
N HIS I 26 -37.83 55.36 -66.00
CA HIS I 26 -36.49 55.75 -66.46
C HIS I 26 -36.49 57.10 -67.17
N ARG I 27 -37.48 57.32 -68.03
CA ARG I 27 -37.61 58.59 -68.76
C ARG I 27 -37.90 59.76 -67.82
N MET I 28 -38.68 59.51 -66.77
CA MET I 28 -38.95 60.52 -65.76
C MET I 28 -37.72 60.77 -64.91
N LEU I 29 -36.93 59.73 -64.69
CA LEU I 29 -35.64 59.85 -64.00
C LEU I 29 -34.73 60.81 -64.76
N VAL I 30 -34.33 60.40 -65.96
CA VAL I 30 -33.44 61.21 -66.78
C VAL I 30 -33.98 62.64 -66.93
N GLU I 31 -35.31 62.80 -66.97
CA GLU I 31 -35.91 64.13 -67.01
C GLU I 31 -35.62 64.91 -65.72
N ALA I 32 -35.86 64.26 -64.57
CA ALA I 32 -35.83 64.93 -63.27
C ALA I 32 -34.46 65.48 -62.90
N PHE I 33 -33.45 64.61 -62.97
CA PHE I 33 -32.13 64.91 -62.44
C PHE I 33 -31.16 65.32 -63.53
N GLY I 34 -30.97 64.43 -64.49
CA GLY I 34 -30.01 64.63 -65.56
C GLY I 34 -29.64 63.27 -66.14
N GLU I 35 -28.69 63.28 -67.06
CA GLU I 35 -28.28 62.05 -67.74
C GLU I 35 -27.50 61.11 -66.82
N GLN I 36 -26.87 61.66 -65.79
CA GLN I 36 -26.13 60.85 -64.80
C GLN I 36 -27.12 60.10 -63.92
N VAL I 37 -27.61 58.99 -64.45
CA VAL I 37 -28.70 58.23 -63.87
C VAL I 37 -28.60 56.82 -64.46
N PRO I 38 -29.11 55.79 -63.74
CA PRO I 38 -28.95 54.42 -64.22
C PRO I 38 -29.73 54.16 -65.50
N THR I 39 -29.44 53.04 -66.15
CA THR I 39 -30.09 52.70 -67.40
C THR I 39 -31.54 52.28 -67.16
N VAL I 40 -32.29 52.17 -68.26
CA VAL I 40 -33.62 51.58 -68.20
C VAL I 40 -33.58 50.11 -67.80
N LYS I 41 -32.53 49.38 -68.23
CA LYS I 41 -32.41 47.96 -67.94
C LYS I 41 -32.41 47.70 -66.44
N THR I 42 -31.73 48.56 -65.69
CA THR I 42 -31.69 48.45 -64.24
C THR I 42 -33.06 48.74 -63.65
N CYS I 43 -33.72 49.80 -64.14
CA CYS I 43 -35.10 50.10 -63.76
C CYS I 43 -36.00 48.88 -64.02
N GLU I 44 -35.74 48.15 -65.10
CA GLU I 44 -36.49 46.94 -65.42
C GLU I 44 -36.28 45.82 -64.41
N ARG I 45 -35.03 45.59 -64.00
CA ARG I 45 -34.71 44.48 -63.06
C ARG I 45 -35.06 44.82 -61.61
N TRP I 46 -34.95 46.08 -61.23
CA TRP I 46 -35.38 46.50 -59.88
C TRP I 46 -36.91 46.45 -59.74
N PHE I 47 -37.62 46.67 -60.84
CA PHE I 47 -39.05 46.40 -60.90
C PHE I 47 -39.31 44.92 -60.69
N GLN I 48 -38.58 44.08 -61.44
CA GLN I 48 -38.73 42.63 -61.35
C GLN I 48 -38.73 42.14 -59.90
N ARG I 49 -37.90 42.77 -59.06
CA ARG I 49 -37.76 42.37 -57.66
C ARG I 49 -38.96 42.81 -56.80
N PHE I 50 -39.50 44.00 -57.07
CA PHE I 50 -40.66 44.48 -56.32
C PHE I 50 -41.86 43.56 -56.54
N LYS I 51 -41.95 42.96 -57.73
CA LYS I 51 -43.00 42.00 -58.06
C LYS I 51 -42.87 40.70 -57.24
N SER I 52 -41.62 40.32 -56.95
CA SER I 52 -41.37 39.16 -56.09
C SER I 52 -41.90 39.42 -54.68
N GLY I 53 -41.83 40.68 -54.23
CA GLY I 53 -42.45 41.10 -52.98
C GLY I 53 -41.59 41.91 -52.02
N ASP I 54 -40.27 41.86 -52.19
CA ASP I 54 -39.36 42.56 -51.28
C ASP I 54 -39.02 43.94 -51.82
N PHE I 55 -39.11 44.95 -50.95
CA PHE I 55 -38.92 46.34 -51.31
C PHE I 55 -37.70 46.87 -50.58
N ASP I 56 -36.68 46.02 -50.54
CA ASP I 56 -35.42 46.30 -49.86
C ASP I 56 -34.58 47.27 -50.68
N VAL I 57 -34.11 48.33 -50.05
CA VAL I 57 -33.41 49.41 -50.75
C VAL I 57 -31.89 49.20 -50.75
N ASP I 58 -31.38 48.48 -49.74
CA ASP I 58 -29.95 48.16 -49.65
C ASP I 58 -29.64 46.96 -50.53
N ASP I 59 -28.38 46.79 -50.89
CA ASP I 59 -27.96 45.68 -51.74
C ASP I 59 -27.96 44.39 -50.93
N LYS I 60 -28.16 43.27 -51.62
CA LYS I 60 -27.83 41.96 -51.05
C LYS I 60 -26.33 41.93 -50.79
N GLU I 61 -25.91 41.16 -49.78
CA GLU I 61 -24.51 41.13 -49.39
C GLU I 61 -23.64 40.72 -50.58
N HIS I 62 -22.61 41.53 -50.86
CA HIS I 62 -21.70 41.30 -51.98
C HIS I 62 -20.86 40.05 -51.77
N GLY I 63 -20.06 39.71 -52.78
CA GLY I 63 -19.06 38.66 -52.65
C GLY I 63 -18.03 39.12 -51.63
N LYS I 64 -17.46 38.16 -50.92
CA LYS I 64 -16.48 38.46 -49.89
C LYS I 64 -15.42 37.37 -49.86
N PRO I 65 -14.21 37.68 -49.36
CA PRO I 65 -13.15 36.67 -49.34
C PRO I 65 -13.43 35.58 -48.29
N PRO I 66 -12.92 34.36 -48.52
CA PRO I 66 -13.17 33.27 -47.59
C PRO I 66 -12.39 33.44 -46.28
N LYS I 67 -12.89 32.85 -45.20
CA LYS I 67 -12.20 32.91 -43.91
C LYS I 67 -10.99 31.97 -43.87
N ARG I 68 -9.87 32.48 -43.37
CA ARG I 68 -8.61 31.72 -43.29
C ARG I 68 -8.68 30.70 -42.14
N TYR I 69 -9.37 31.08 -41.07
CA TYR I 69 -9.63 30.20 -39.93
C TYR I 69 -11.03 30.48 -39.38
N GLU I 70 -11.61 29.52 -38.67
CA GLU I 70 -12.95 29.67 -38.11
C GLU I 70 -12.91 30.30 -36.73
N ASP I 71 -14.09 30.60 -36.19
CA ASP I 71 -14.22 31.05 -34.82
C ASP I 71 -13.91 29.90 -33.85
N ALA I 72 -14.38 28.69 -34.16
CA ALA I 72 -14.17 27.52 -33.31
C ALA I 72 -12.76 26.95 -33.42
N GLU I 73 -12.05 27.34 -34.49
CA GLU I 73 -10.65 26.94 -34.67
C GLU I 73 -9.81 27.62 -33.59
N LEU I 74 -10.06 28.91 -33.41
CA LEU I 74 -9.41 29.71 -32.39
C LEU I 74 -9.83 29.27 -30.99
N GLN I 75 -11.14 29.13 -30.78
CA GLN I 75 -11.69 28.76 -29.48
C GLN I 75 -11.10 27.44 -28.95
N ALA I 76 -10.73 26.53 -29.86
CA ALA I 76 -10.00 25.31 -29.48
C ALA I 76 -8.69 25.66 -28.80
N LEU I 77 -7.98 26.65 -29.36
CA LEU I 77 -6.70 27.10 -28.80
C LEU I 77 -6.84 27.73 -27.41
N LEU I 78 -7.96 28.40 -27.16
CA LEU I 78 -8.20 29.02 -25.87
C LEU I 78 -8.64 27.99 -24.82
N ASP I 79 -9.26 26.91 -25.27
CA ASP I 79 -9.61 25.80 -24.38
C ASP I 79 -8.34 25.05 -23.96
N GLU I 80 -7.34 25.02 -24.83
CA GLU I 80 -6.04 24.45 -24.51
C GLU I 80 -5.34 25.32 -23.47
N ASP I 81 -5.19 26.61 -23.79
CA ASP I 81 -4.43 27.54 -22.98
C ASP I 81 -5.09 28.92 -22.99
N ASP I 82 -5.90 29.19 -21.97
CA ASP I 82 -6.66 30.43 -21.84
C ASP I 82 -5.83 31.67 -22.14
N ALA I 83 -4.59 31.67 -21.68
CA ALA I 83 -3.77 32.89 -21.64
C ALA I 83 -2.54 32.79 -22.53
N GLN I 84 -2.70 33.17 -23.79
CA GLN I 84 -1.57 33.33 -24.70
C GLN I 84 -1.66 34.75 -25.22
N THR I 85 -0.59 35.22 -25.83
CA THR I 85 -0.62 36.51 -26.50
C THR I 85 -1.35 36.35 -27.82
N GLN I 86 -1.65 37.47 -28.47
CA GLN I 86 -2.25 37.41 -29.79
C GLN I 86 -1.25 36.87 -30.80
N LYS I 87 -0.03 37.38 -30.77
CA LYS I 87 1.03 36.86 -31.65
C LYS I 87 1.17 35.35 -31.54
N GLN I 88 1.12 34.83 -30.31
CA GLN I 88 1.19 33.39 -30.07
C GLN I 88 0.07 32.63 -30.79
N LEU I 89 -1.15 33.16 -30.70
CA LEU I 89 -2.33 32.52 -31.27
C LEU I 89 -2.34 32.63 -32.80
N ALA I 90 -1.94 33.79 -33.30
CA ALA I 90 -1.79 34.01 -34.73
C ALA I 90 -0.73 33.08 -35.33
N GLU I 91 0.34 32.83 -34.59
CA GLU I 91 1.44 31.97 -35.05
C GLU I 91 1.01 30.52 -35.30
N GLN I 92 -0.04 30.08 -34.61
CA GLN I 92 -0.61 28.75 -34.82
C GLN I 92 -1.70 28.75 -35.91
N LEU I 93 -2.40 29.88 -36.03
CA LEU I 93 -3.43 30.06 -37.07
C LEU I 93 -2.83 30.49 -38.41
N GLU I 94 -1.51 30.67 -38.43
CA GLU I 94 -0.79 31.07 -39.64
C GLU I 94 -1.32 32.41 -40.19
N VAL I 95 -1.85 33.24 -39.30
CA VAL I 95 -2.38 34.55 -39.64
C VAL I 95 -1.60 35.62 -38.85
N SER I 96 -1.90 36.90 -39.06
CA SER I 96 -1.18 37.98 -38.35
C SER I 96 -1.79 38.26 -36.98
N GLN I 97 -0.98 38.81 -36.07
CA GLN I 97 -1.46 39.19 -34.73
C GLN I 97 -2.66 40.09 -34.89
N GLN I 98 -2.53 41.00 -35.83
CA GLN I 98 -3.54 41.98 -36.14
C GLN I 98 -4.94 41.39 -36.29
N ALA I 99 -5.03 40.32 -37.08
CA ALA I 99 -6.30 39.64 -37.35
C ALA I 99 -6.90 39.04 -36.08
N VAL I 100 -6.04 38.53 -35.21
CA VAL I 100 -6.49 37.88 -33.98
C VAL I 100 -7.12 38.89 -33.03
N SER I 101 -6.62 40.12 -33.04
CA SER I 101 -7.20 41.21 -32.24
C SER I 101 -8.66 41.41 -32.61
N ASN I 102 -8.93 41.52 -33.92
CA ASN I 102 -10.29 41.68 -34.45
C ASN I 102 -11.19 40.51 -34.05
N ARG I 103 -10.81 39.31 -34.46
CA ARG I 103 -11.62 38.12 -34.23
C ARG I 103 -12.03 37.91 -32.79
N LEU I 104 -11.09 38.19 -31.88
CA LEU I 104 -11.37 38.07 -30.45
C LEU I 104 -12.44 39.06 -30.05
N ARG I 105 -12.40 40.25 -30.65
CA ARG I 105 -13.44 41.23 -30.45
C ARG I 105 -14.76 40.78 -31.08
N GLU I 106 -14.70 40.10 -32.22
CA GLU I 106 -15.92 39.59 -32.87
C GLU I 106 -16.61 38.59 -31.96
N MET I 107 -15.84 37.65 -31.42
CA MET I 107 -16.33 36.75 -30.38
C MET I 107 -16.44 37.56 -29.09
N GLY I 108 -17.08 37.01 -28.07
CA GLY I 108 -17.33 37.76 -26.84
C GLY I 108 -16.09 38.08 -26.00
N LYS I 109 -14.91 37.65 -26.47
CA LYS I 109 -13.70 37.55 -25.64
C LYS I 109 -13.15 38.87 -25.13
N ILE I 110 -12.83 38.91 -23.83
CA ILE I 110 -12.10 40.02 -23.20
C ILE I 110 -10.85 39.51 -22.47
N GLN I 111 -9.90 40.41 -22.27
CA GLN I 111 -8.67 40.11 -21.53
C GLN I 111 -8.90 40.43 -20.06
N LYS I 112 -8.51 39.50 -19.17
CA LYS I 112 -8.57 39.75 -17.73
C LYS I 112 -7.44 39.07 -16.99
N VAL I 113 -6.85 39.80 -16.04
CA VAL I 113 -5.72 39.30 -15.26
C VAL I 113 -6.17 38.24 -14.27
N GLY I 114 -5.30 37.28 -14.01
CA GLY I 114 -5.59 36.19 -13.09
C GLY I 114 -5.35 36.57 -11.64
N ARG I 115 -5.97 35.82 -10.74
CA ARG I 115 -5.79 36.04 -9.31
C ARG I 115 -4.41 35.56 -8.86
N TRP I 116 -3.89 36.23 -7.82
CA TRP I 116 -2.79 35.69 -7.05
C TRP I 116 -3.42 34.72 -6.08
N VAL I 117 -2.81 33.55 -5.95
CA VAL I 117 -3.22 32.62 -4.93
C VAL I 117 -2.02 32.57 -3.97
N PRO I 118 -2.27 32.27 -2.69
CA PRO I 118 -1.24 32.56 -1.70
C PRO I 118 -0.06 31.58 -1.67
N HIS I 119 -0.22 30.37 -2.20
CA HIS I 119 0.86 29.39 -2.16
C HIS I 119 0.71 28.25 -3.16
N GLU I 120 1.85 27.67 -3.53
CA GLU I 120 1.90 26.53 -4.44
C GLU I 120 1.77 25.24 -3.62
N LEU I 121 0.55 24.81 -3.36
CA LEU I 121 0.29 23.61 -2.57
C LEU I 121 0.81 22.34 -3.25
N ASN I 122 0.83 21.24 -2.52
CA ASN I 122 0.97 19.92 -3.12
C ASN I 122 -0.05 18.97 -2.51
N GLU I 123 -0.12 17.76 -3.06
CA GLU I 123 -1.23 16.87 -2.77
C GLU I 123 -1.41 16.56 -1.27
N ARG I 124 -0.33 16.62 -0.51
CA ARG I 124 -0.41 16.51 0.95
C ARG I 124 -1.19 17.70 1.50
N GLN I 125 -0.63 18.90 1.32
CA GLN I 125 -1.26 20.14 1.78
C GLN I 125 -2.72 20.28 1.34
N MET I 126 -3.04 19.81 0.12
CA MET I 126 -4.40 19.91 -0.40
C MET I 126 -5.32 18.98 0.39
N GLU I 127 -5.01 17.69 0.42
CA GLU I 127 -5.84 16.70 1.14
C GLU I 127 -6.00 17.06 2.61
N ARG I 128 -4.96 17.65 3.19
CA ARG I 128 -5.03 18.15 4.55
C ARG I 128 -6.16 19.17 4.69
N ARG I 129 -6.14 20.19 3.84
CA ARG I 129 -7.21 21.20 3.80
C ARG I 129 -8.56 20.53 3.52
N LYS I 130 -8.62 19.72 2.48
CA LYS I 130 -9.87 19.08 2.12
C LYS I 130 -10.43 18.32 3.31
N ASN I 131 -9.57 17.59 4.01
CA ASN I 131 -10.02 16.72 5.09
C ASN I 131 -10.44 17.55 6.32
N THR I 132 -9.69 18.61 6.60
CA THR I 132 -9.99 19.44 7.75
C THR I 132 -11.37 20.06 7.60
N CYS I 133 -11.59 20.71 6.46
CA CYS I 133 -12.89 21.28 6.11
C CYS I 133 -13.96 20.18 6.20
N GLU I 134 -13.72 19.09 5.49
CA GLU I 134 -14.64 17.95 5.47
C GLU I 134 -15.15 17.59 6.86
N ILE I 135 -14.26 17.60 7.84
CA ILE I 135 -14.61 17.26 9.21
C ILE I 135 -15.36 18.39 9.88
N LEU I 136 -14.82 19.59 9.78
CA LEU I 136 -15.47 20.75 10.37
C LEU I 136 -16.93 20.84 9.89
N LEU I 137 -17.13 20.67 8.59
CA LEU I 137 -18.48 20.67 8.00
C LEU I 137 -19.36 19.67 8.71
N SER I 138 -18.92 18.42 8.70
CA SER I 138 -19.68 17.35 9.30
C SER I 138 -20.14 17.70 10.72
N ARG I 139 -19.28 18.35 11.49
CA ARG I 139 -19.63 18.76 12.84
C ARG I 139 -20.64 19.90 12.83
N TYR I 140 -20.35 20.94 12.04
CA TYR I 140 -21.26 22.08 11.91
C TYR I 140 -22.68 21.65 11.58
N LYS I 141 -22.82 20.74 10.60
CA LYS I 141 -24.12 20.16 10.26
C LYS I 141 -24.84 19.64 11.49
N ARG I 142 -24.12 18.88 12.31
CA ARG I 142 -24.73 18.21 13.46
C ARG I 142 -25.24 19.23 14.48
N LYS I 143 -24.46 20.29 14.68
CA LYS I 143 -24.85 21.38 15.57
C LYS I 143 -23.93 22.57 15.32
N SER I 144 -24.50 23.76 15.14
CA SER I 144 -23.70 24.95 14.90
C SER I 144 -22.85 25.26 16.13
N PHE I 145 -21.62 25.69 15.91
CA PHE I 145 -20.74 26.07 17.00
C PHE I 145 -20.02 27.40 16.75
N LEU I 146 -20.49 28.17 15.78
CA LEU I 146 -19.82 29.41 15.39
C LEU I 146 -19.96 30.46 16.48
N HIS I 147 -21.02 30.34 17.28
CA HIS I 147 -21.26 31.26 18.39
C HIS I 147 -20.24 31.08 19.51
N ARG I 148 -19.58 29.91 19.55
CA ARG I 148 -18.51 29.64 20.50
C ARG I 148 -17.13 30.05 19.98
N ILE I 149 -17.01 30.33 18.70
CA ILE I 149 -15.71 30.62 18.13
C ILE I 149 -15.19 31.98 18.58
N VAL I 150 -13.94 32.00 19.00
CA VAL I 150 -13.16 33.23 19.14
C VAL I 150 -11.87 32.99 18.37
N THR I 151 -11.55 33.92 17.47
CA THR I 151 -10.46 33.74 16.53
C THR I 151 -9.58 34.97 16.63
N GLY I 152 -8.33 34.83 16.19
CA GLY I 152 -7.39 35.94 16.22
C GLY I 152 -6.14 35.67 15.41
N ASP I 153 -5.41 36.74 15.12
CA ASP I 153 -4.22 36.65 14.30
C ASP I 153 -3.45 37.94 14.48
N GLU I 154 -2.30 38.04 13.84
CA GLU I 154 -1.49 39.24 13.88
C GLU I 154 -1.30 39.77 12.46
N LYS I 155 -1.11 41.07 12.34
CA LYS I 155 -1.01 41.73 11.05
C LYS I 155 -0.18 43.00 11.14
N TRP I 156 0.84 43.09 10.30
CA TRP I 156 1.65 44.31 10.23
C TRP I 156 0.82 45.49 9.77
N ILE I 157 1.13 46.67 10.28
CA ILE I 157 0.54 47.90 9.79
C ILE I 157 1.64 48.89 9.54
N PHE I 158 1.94 49.14 8.26
CA PHE I 158 3.00 50.06 7.91
C PHE I 158 2.54 51.49 8.23
N PHE I 159 3.50 52.40 8.30
CA PHE I 159 3.21 53.80 8.59
C PHE I 159 2.78 54.50 7.30
N VAL I 160 3.35 54.09 6.18
CA VAL I 160 3.00 54.66 4.89
C VAL I 160 2.64 53.50 3.96
N ASN I 161 1.42 53.53 3.42
CA ASN I 161 0.93 52.50 2.50
C ASN I 161 0.63 53.14 1.15
N PRO I 162 1.67 53.33 0.34
CA PRO I 162 1.42 54.01 -0.91
C PRO I 162 0.84 53.04 -1.92
N LYS I 163 0.06 53.59 -2.85
CA LYS I 163 -0.57 52.82 -3.90
C LYS I 163 -0.40 53.60 -5.19
N ARG I 164 -0.34 52.90 -6.32
CA ARG I 164 -0.20 53.57 -7.62
C ARG I 164 -1.46 54.35 -8.00
N LYS I 165 -1.25 55.56 -8.52
CA LYS I 165 -2.35 56.45 -8.88
C LYS I 165 -2.86 56.18 -10.29
N LYS I 166 -4.15 56.48 -10.51
CA LYS I 166 -4.80 56.28 -11.80
C LYS I 166 -5.38 57.59 -12.31
N SER I 167 -4.70 58.17 -13.30
CA SER I 167 -5.02 59.50 -13.78
C SER I 167 -5.87 59.46 -15.05
N TYR I 168 -6.84 60.37 -15.14
CA TYR I 168 -7.60 60.58 -16.38
C TYR I 168 -6.89 61.66 -17.20
N VAL I 169 -6.46 61.30 -18.41
CA VAL I 169 -5.72 62.24 -19.23
C VAL I 169 -5.67 61.84 -20.73
N ASP I 170 -5.44 62.85 -21.58
CA ASP I 170 -5.34 62.67 -23.02
C ASP I 170 -4.27 61.64 -23.34
N PRO I 171 -4.49 60.81 -24.36
CA PRO I 171 -3.50 59.84 -24.79
C PRO I 171 -2.08 60.42 -24.94
N GLY I 172 -1.08 59.64 -24.54
CA GLY I 172 0.33 60.04 -24.68
C GLY I 172 0.84 61.03 -23.65
N GLN I 173 0.03 61.28 -22.62
CA GLN I 173 0.37 62.22 -21.56
C GLN I 173 0.66 61.37 -20.30
N PRO I 174 1.67 61.76 -19.51
CA PRO I 174 2.04 60.93 -18.36
C PRO I 174 1.05 61.03 -17.21
N ALA I 175 0.88 59.93 -16.46
CA ALA I 175 0.03 59.92 -15.26
C ALA I 175 0.85 60.31 -14.02
N THR I 176 0.22 60.28 -12.85
CA THR I 176 0.87 60.66 -11.59
C THR I 176 1.66 59.49 -11.02
N SER I 177 2.98 59.67 -10.94
CA SER I 177 3.87 58.63 -10.42
C SER I 177 3.85 58.60 -8.91
N THR I 178 4.28 57.50 -8.33
CA THR I 178 4.25 57.32 -6.88
C THR I 178 5.53 56.68 -6.36
N ALA I 179 6.03 57.22 -5.24
CA ALA I 179 7.25 56.72 -4.63
C ALA I 179 7.02 55.36 -3.98
N ARG I 180 7.95 54.44 -4.21
CA ARG I 180 7.76 53.04 -3.80
C ARG I 180 7.69 52.84 -2.29
N PRO I 181 7.04 51.76 -1.86
CA PRO I 181 6.97 51.50 -0.43
C PRO I 181 8.33 51.02 0.10
N ASN I 182 8.93 51.82 0.97
CA ASN I 182 10.19 51.44 1.63
C ASN I 182 9.99 50.22 2.53
N ARG I 183 10.55 49.08 2.12
CA ARG I 183 10.29 47.81 2.80
C ARG I 183 10.74 47.80 4.25
N PHE I 184 11.99 48.21 4.47
CA PHE I 184 12.56 48.28 5.81
C PHE I 184 12.21 49.64 6.39
N GLY I 185 10.93 49.81 6.72
CA GLY I 185 10.39 51.09 7.19
C GLY I 185 9.45 50.90 8.35
N LYS I 186 9.19 51.98 9.09
CA LYS I 186 8.41 51.91 10.33
C LYS I 186 7.08 51.18 10.13
N LYS I 187 6.80 50.25 11.04
CA LYS I 187 5.60 49.40 10.97
C LYS I 187 5.23 48.95 12.38
N THR I 188 4.03 48.43 12.55
CA THR I 188 3.50 48.16 13.88
C THR I 188 2.62 46.93 13.90
N MET I 189 3.10 45.85 14.51
CA MET I 189 2.36 44.60 14.56
C MET I 189 1.09 44.75 15.38
N LEU I 190 -0.03 44.25 14.86
CA LEU I 190 -1.31 44.34 15.55
C LEU I 190 -1.80 42.95 15.85
N CYS I 191 -2.10 42.69 17.11
CA CYS I 191 -2.62 41.42 17.52
C CYS I 191 -4.04 41.65 17.98
N VAL I 192 -4.98 40.91 17.41
CA VAL I 192 -6.39 41.12 17.72
C VAL I 192 -7.17 39.82 17.72
N TRP I 193 -8.06 39.69 18.70
CA TRP I 193 -8.93 38.52 18.82
C TRP I 193 -10.38 38.99 18.82
N TRP I 194 -11.26 38.22 18.20
CA TRP I 194 -12.66 38.64 18.00
C TRP I 194 -13.57 37.46 17.80
N ASP I 195 -14.85 37.64 18.11
CA ASP I 195 -15.86 36.60 17.86
C ASP I 195 -16.99 37.18 17.04
N GLN I 196 -18.07 36.43 16.86
CA GLN I 196 -19.15 36.90 16.00
C GLN I 196 -19.76 38.22 16.50
N SER I 197 -19.71 38.45 17.81
CA SER I 197 -20.28 39.66 18.41
C SER I 197 -19.34 40.88 18.42
N GLY I 198 -18.09 40.72 18.00
CA GLY I 198 -17.17 41.87 17.98
C GLY I 198 -15.72 41.58 18.35
N VAL I 199 -14.92 42.65 18.40
CA VAL I 199 -13.51 42.59 18.82
C VAL I 199 -13.40 42.56 20.34
N ILE I 200 -12.71 41.54 20.87
CA ILE I 200 -12.68 41.27 22.30
C ILE I 200 -11.53 41.99 22.98
N TYR I 201 -10.35 41.89 22.39
CA TYR I 201 -9.15 42.44 22.97
C TYR I 201 -8.14 42.63 21.84
N TYR I 202 -7.30 43.66 21.93
CA TYR I 202 -6.25 43.82 20.93
C TYR I 202 -5.04 44.59 21.45
N GLU I 203 -3.86 44.21 20.96
CA GLU I 203 -2.60 44.87 21.34
C GLU I 203 -1.90 45.39 20.11
N LEU I 204 -1.63 46.69 20.10
CA LEU I 204 -0.80 47.27 19.05
C LEU I 204 0.63 47.38 19.56
N LEU I 205 1.45 46.40 19.21
CA LEU I 205 2.87 46.39 19.57
C LEU I 205 3.57 47.64 19.07
N LYS I 206 4.81 47.86 19.47
CA LYS I 206 5.52 49.09 19.13
C LYS I 206 6.41 48.82 17.93
N PRO I 207 6.94 49.89 17.30
CA PRO I 207 7.77 49.74 16.12
C PRO I 207 8.95 48.78 16.26
N GLY I 208 8.90 47.67 15.54
CA GLY I 208 9.96 46.66 15.60
C GLY I 208 9.62 45.49 16.51
N GLU I 209 8.97 45.78 17.64
CA GLU I 209 8.61 44.72 18.59
C GLU I 209 7.81 43.61 17.93
N THR I 210 7.96 42.40 18.46
CA THR I 210 7.39 41.20 17.87
C THR I 210 6.87 40.25 18.95
N VAL I 211 6.24 39.15 18.53
CA VAL I 211 5.66 38.17 19.45
C VAL I 211 6.47 36.87 19.47
N ASN I 212 7.01 36.54 20.64
CA ASN I 212 7.68 35.26 20.86
C ASN I 212 6.89 34.46 21.88
N ALA I 213 7.17 33.15 21.96
CA ALA I 213 6.40 32.23 22.80
C ALA I 213 6.04 32.78 24.20
N ALA I 214 6.93 33.58 24.77
CA ALA I 214 6.71 34.16 26.09
C ALA I 214 5.57 35.18 26.05
N ARG I 215 5.77 36.22 25.25
CA ARG I 215 4.83 37.34 25.10
C ARG I 215 3.40 36.89 24.72
N TYR I 216 3.30 35.89 23.83
CA TYR I 216 2.00 35.38 23.36
C TYR I 216 1.19 34.80 24.51
N GLN I 217 1.88 34.21 25.48
CA GLN I 217 1.25 33.64 26.64
C GLN I 217 0.58 34.72 27.49
N GLN I 218 1.25 35.87 27.57
CA GLN I 218 0.70 37.00 28.30
C GLN I 218 -0.55 37.51 27.60
N GLN I 219 -0.50 37.60 26.28
CA GLN I 219 -1.63 37.98 25.45
C GLN I 219 -2.83 37.07 25.72
N LEU I 220 -2.60 35.76 25.70
CA LEU I 220 -3.65 34.80 25.99
C LEU I 220 -4.28 34.98 27.37
N ILE I 221 -3.52 35.44 28.36
CA ILE I 221 -4.09 35.62 29.71
C ILE I 221 -4.91 36.91 29.78
N ASN I 222 -4.32 38.02 29.32
CA ASN I 222 -5.02 39.30 29.20
C ASN I 222 -6.34 39.16 28.43
N LEU I 223 -6.29 38.39 27.34
CA LEU I 223 -7.46 38.00 26.58
C LEU I 223 -8.50 37.37 27.50
N ASN I 224 -8.20 36.19 28.04
CA ASN I 224 -9.14 35.51 28.94
C ASN I 224 -9.75 36.43 29.98
N ARG I 225 -8.94 37.33 30.52
CA ARG I 225 -9.44 38.30 31.48
C ARG I 225 -10.43 39.23 30.79
N ALA I 226 -9.94 39.95 29.78
CA ALA I 226 -10.78 40.88 29.00
C ALA I 226 -12.01 40.19 28.39
N LEU I 227 -11.86 38.92 28.05
CA LEU I 227 -12.97 38.11 27.53
C LEU I 227 -14.02 37.90 28.62
N GLN I 228 -13.57 37.80 29.86
CA GLN I 228 -14.45 37.52 30.99
C GLN I 228 -15.41 38.66 31.26
N ARG I 229 -14.93 39.89 31.14
CA ARG I 229 -15.76 41.07 31.45
C ARG I 229 -16.54 41.62 30.24
N LYS I 230 -16.30 41.09 29.05
CA LYS I 230 -16.98 41.55 27.84
C LYS I 230 -18.06 40.60 27.33
N ARG I 231 -17.97 39.33 27.67
CA ARG I 231 -18.98 38.33 27.29
C ARG I 231 -19.52 37.67 28.55
N PRO I 232 -20.57 38.26 29.16
CA PRO I 232 -21.14 37.75 30.41
C PRO I 232 -21.43 36.24 30.42
N GLU I 233 -21.88 35.70 29.29
CA GLU I 233 -22.22 34.27 29.20
C GLU I 233 -20.99 33.33 29.22
N TYR I 234 -19.80 33.88 29.45
CA TYR I 234 -18.57 33.10 29.41
C TYR I 234 -18.27 32.35 30.69
N GLN I 235 -18.29 33.06 31.83
CA GLN I 235 -17.89 32.47 33.13
C GLN I 235 -18.53 31.11 33.41
N LYS I 236 -19.83 31.01 33.15
CA LYS I 236 -20.55 29.74 33.29
C LYS I 236 -20.06 28.73 32.25
N ARG I 237 -19.75 29.22 31.06
CA ARG I 237 -19.36 28.39 29.93
C ARG I 237 -17.87 28.54 29.64
N GLN I 238 -17.03 28.43 30.67
CA GLN I 238 -15.60 28.75 30.54
C GLN I 238 -14.82 27.78 29.64
N HIS I 239 -15.24 26.52 29.63
CA HIS I 239 -14.59 25.47 28.82
C HIS I 239 -15.11 25.37 27.38
N ARG I 240 -16.19 26.09 27.08
CA ARG I 240 -16.88 25.96 25.79
C ARG I 240 -16.25 26.77 24.66
N VAL I 241 -15.45 27.78 25.02
CA VAL I 241 -14.75 28.56 24.02
C VAL I 241 -14.02 27.66 23.04
N ILE I 242 -14.06 28.05 21.76
CA ILE I 242 -13.39 27.33 20.69
C ILE I 242 -12.40 28.28 20.04
N PHE I 243 -11.15 27.85 19.92
CA PHE I 243 -10.08 28.79 19.59
C PHE I 243 -9.46 28.54 18.23
N LEU I 244 -9.57 29.54 17.37
CA LEU I 244 -9.07 29.48 16.01
C LEU I 244 -7.84 30.35 15.95
N HIS I 245 -6.67 29.77 15.68
CA HIS I 245 -5.47 30.55 15.46
C HIS I 245 -4.53 29.87 14.48
N ALA I 246 -3.65 30.67 13.88
CA ALA I 246 -2.71 30.19 12.88
C ALA I 246 -1.75 29.19 13.52
N ASN I 247 -1.25 28.25 12.72
CA ASN I 247 -0.28 27.26 13.18
C ASN I 247 1.15 27.81 13.16
N ALA I 248 1.35 28.97 13.78
CA ALA I 248 2.68 29.59 13.86
C ALA I 248 3.56 28.85 14.88
N PRO I 249 4.89 29.07 14.85
CA PRO I 249 5.79 28.34 15.74
C PRO I 249 5.69 28.79 17.21
N SER I 250 5.47 30.09 17.42
CA SER I 250 5.20 30.62 18.75
C SER I 250 3.87 30.08 19.29
N HIS I 251 2.93 29.80 18.39
CA HIS I 251 1.63 29.27 18.77
C HIS I 251 1.65 27.78 19.16
N THR I 252 2.71 27.05 18.80
CA THR I 252 2.81 25.60 19.07
C THR I 252 3.85 25.22 20.14
N ALA I 253 4.57 26.21 20.67
CA ALA I 253 5.56 25.98 21.73
C ALA I 253 4.93 25.33 22.96
N ARG I 254 5.78 24.79 23.85
CA ARG I 254 5.31 24.02 25.00
C ARG I 254 4.57 24.88 26.02
N ALA I 255 5.22 25.94 26.47
CA ALA I 255 4.63 26.84 27.45
C ALA I 255 3.18 27.19 27.08
N VAL I 256 2.99 27.65 25.84
CA VAL I 256 1.73 28.21 25.38
C VAL I 256 0.59 27.19 25.43
N ARG I 257 0.80 26.00 24.87
CA ARG I 257 -0.26 24.99 24.81
C ARG I 257 -0.68 24.51 26.20
N ASP I 258 0.21 24.64 27.17
CA ASP I 258 -0.12 24.39 28.59
C ASP I 258 -1.12 25.42 29.12
N THR I 259 -0.91 26.68 28.75
CA THR I 259 -1.83 27.75 29.13
C THR I 259 -3.21 27.57 28.51
N LEU I 260 -3.24 27.13 27.25
CA LEU I 260 -4.52 26.79 26.59
C LEU I 260 -5.20 25.63 27.30
N GLU I 261 -4.39 24.66 27.73
CA GLU I 261 -4.86 23.49 28.46
C GLU I 261 -5.45 23.88 29.82
N THR I 262 -4.79 24.82 30.51
CA THR I 262 -5.27 25.31 31.79
C THR I 262 -6.45 26.27 31.64
N LEU I 263 -6.55 26.92 30.49
CA LEU I 263 -7.73 27.74 30.16
C LEU I 263 -8.90 26.87 29.74
N ASN I 264 -8.56 25.64 29.33
CA ASN I 264 -9.54 24.62 28.96
C ASN I 264 -10.35 25.00 27.71
N TRP I 265 -9.70 25.67 26.77
CA TRP I 265 -10.32 25.96 25.48
C TRP I 265 -10.13 24.81 24.52
N GLU I 266 -10.93 24.80 23.46
CA GLU I 266 -10.78 23.83 22.38
C GLU I 266 -10.06 24.55 21.26
N VAL I 267 -8.91 24.03 20.83
CA VAL I 267 -8.30 24.56 19.62
C VAL I 267 -8.97 23.90 18.44
N LEU I 268 -9.24 24.70 17.40
CA LEU I 268 -9.81 24.18 16.18
C LEU I 268 -8.69 23.76 15.27
N PRO I 269 -8.87 22.60 14.60
CA PRO I 269 -7.98 22.15 13.52
C PRO I 269 -7.87 23.21 12.42
N HIS I 270 -6.67 23.45 11.92
CA HIS I 270 -6.46 24.47 10.93
C HIS I 270 -5.34 24.05 10.00
N ALA I 271 -5.63 23.93 8.72
CA ALA I 271 -4.63 23.49 7.75
C ALA I 271 -3.52 24.51 7.53
N ALA I 272 -2.43 24.04 6.92
CA ALA I 272 -1.27 24.89 6.65
C ALA I 272 -1.53 25.64 5.36
N TYR I 273 -1.07 26.89 5.33
CA TYR I 273 -1.22 27.76 4.17
C TYR I 273 -2.69 27.90 3.83
N SER I 274 -3.49 28.24 4.82
CA SER I 274 -4.92 28.31 4.65
C SER I 274 -5.50 29.58 5.24
N PRO I 275 -4.94 30.74 4.84
CA PRO I 275 -5.48 32.00 5.32
C PRO I 275 -6.88 32.26 4.76
N ASP I 276 -7.19 31.64 3.63
CA ASP I 276 -8.54 31.61 3.11
C ASP I 276 -9.52 30.76 3.96
N LEU I 277 -9.06 30.17 5.06
CA LEU I 277 -9.98 29.56 6.03
C LEU I 277 -9.90 30.25 7.40
N ALA I 278 -9.22 31.39 7.44
CA ALA I 278 -8.97 32.14 8.66
C ALA I 278 -9.68 33.50 8.66
N PRO I 279 -10.83 33.61 9.36
CA PRO I 279 -11.61 34.85 9.41
C PRO I 279 -10.80 36.10 9.59
N SER I 280 -9.81 36.07 10.46
CA SER I 280 -9.04 37.27 10.71
C SER I 280 -8.38 37.73 9.40
N ASP I 281 -7.92 36.77 8.59
CA ASP I 281 -7.22 37.07 7.35
C ASP I 281 -8.17 37.50 6.21
N TYR I 282 -9.13 36.63 5.87
CA TYR I 282 -9.98 36.86 4.70
C TYR I 282 -11.09 37.89 4.89
N HIS I 283 -11.47 38.15 6.13
CA HIS I 283 -12.53 39.11 6.41
C HIS I 283 -12.00 40.39 7.06
N LEU I 284 -11.76 40.34 8.37
CA LEU I 284 -11.34 41.51 9.14
C LEU I 284 -10.18 42.27 8.50
N PHE I 285 -9.07 41.60 8.27
CA PHE I 285 -7.89 42.26 7.72
C PHE I 285 -8.10 42.69 6.28
N ALA I 286 -8.99 41.98 5.58
CA ALA I 286 -9.37 42.32 4.22
C ALA I 286 -10.01 43.71 4.16
N SER I 287 -11.01 43.96 5.00
CA SER I 287 -11.56 45.31 5.17
C SER I 287 -10.47 46.34 5.45
N MET I 288 -9.67 46.09 6.48
CA MET I 288 -8.61 47.02 6.88
C MET I 288 -7.68 47.34 5.72
N GLY I 289 -7.41 46.34 4.89
CA GLY I 289 -6.57 46.54 3.71
C GLY I 289 -7.03 47.70 2.85
N HIS I 290 -8.34 47.76 2.65
CA HIS I 290 -8.96 48.86 1.90
C HIS I 290 -8.75 50.15 2.65
N ALA I 291 -9.25 50.20 3.89
CA ALA I 291 -9.25 51.43 4.67
C ALA I 291 -7.85 52.00 4.87
N LEU I 292 -6.83 51.13 4.85
CA LEU I 292 -5.44 51.54 5.07
C LEU I 292 -4.76 51.99 3.79
N ALA I 293 -5.32 51.63 2.64
CA ALA I 293 -4.75 52.00 1.37
C ALA I 293 -4.60 53.52 1.27
N GLU I 294 -3.43 53.96 0.82
CA GLU I 294 -3.13 55.38 0.63
C GLU I 294 -3.08 56.18 1.95
N GLN I 295 -3.40 55.53 3.06
CA GLN I 295 -3.38 56.15 4.39
C GLN I 295 -1.93 56.31 4.84
N ARG I 296 -1.65 57.42 5.52
CA ARG I 296 -0.29 57.77 5.92
C ARG I 296 -0.22 58.23 7.39
N PHE I 297 0.39 57.41 8.24
CA PHE I 297 0.56 57.74 9.65
C PHE I 297 1.96 58.28 9.91
N ASP I 298 2.12 59.04 11.00
CA ASP I 298 3.41 59.62 11.36
C ASP I 298 3.96 59.10 12.70
N SER I 299 3.09 58.57 13.55
CA SER I 299 3.48 58.11 14.88
C SER I 299 2.62 56.93 15.32
N TYR I 300 3.18 56.08 16.17
CA TYR I 300 2.44 54.98 16.80
C TYR I 300 1.10 55.48 17.31
N GLU I 301 1.09 56.71 17.83
CA GLU I 301 -0.12 57.32 18.42
C GLU I 301 -1.24 57.43 17.40
N SER I 302 -0.92 57.96 16.23
CA SER I 302 -1.89 58.05 15.13
C SER I 302 -2.55 56.69 14.89
N VAL I 303 -1.72 55.66 14.76
CA VAL I 303 -2.18 54.30 14.44
C VAL I 303 -3.17 53.79 15.50
N LYS I 304 -2.75 53.82 16.75
CA LYS I 304 -3.59 53.34 17.87
C LYS I 304 -4.95 54.04 17.88
N LYS I 305 -4.97 55.32 17.52
CA LYS I 305 -6.19 56.12 17.49
C LYS I 305 -7.08 55.68 16.34
N TRP I 306 -6.48 55.63 15.16
CA TRP I 306 -7.18 55.23 13.94
C TRP I 306 -7.87 53.87 14.09
N LEU I 307 -7.19 52.90 14.72
CA LEU I 307 -7.76 51.58 14.98
C LEU I 307 -9.06 51.69 15.77
N ASP I 308 -9.02 52.39 16.89
CA ASP I 308 -10.18 52.44 17.77
C ASP I 308 -11.38 53.05 17.08
N GLU I 309 -11.15 54.08 16.29
CA GLU I 309 -12.21 54.67 15.47
C GLU I 309 -12.73 53.66 14.46
N TRP I 310 -11.81 52.95 13.80
CA TRP I 310 -12.15 51.95 12.79
C TRP I 310 -12.96 50.78 13.33
N PHE I 311 -12.53 50.22 14.47
CA PHE I 311 -13.26 49.11 15.11
C PHE I 311 -14.65 49.55 15.54
N ALA I 312 -14.72 50.77 16.08
CA ALA I 312 -15.97 51.34 16.54
C ALA I 312 -16.93 51.50 15.36
N ALA I 313 -16.41 52.07 14.27
CA ALA I 313 -17.18 52.30 13.06
C ALA I 313 -17.96 51.09 12.55
N LYS I 314 -17.36 49.90 12.63
CA LYS I 314 -18.01 48.68 12.16
C LYS I 314 -19.17 48.34 13.07
N ASP I 315 -20.11 47.54 12.57
CA ASP I 315 -21.27 47.12 13.38
C ASP I 315 -21.20 45.63 13.70
N ASP I 316 -21.91 45.22 14.77
CA ASP I 316 -21.86 43.82 15.26
C ASP I 316 -22.05 42.83 14.11
N GLU I 317 -22.96 43.17 13.20
CA GLU I 317 -23.24 42.38 11.99
C GLU I 317 -21.99 42.06 11.16
N PHE I 318 -21.11 43.04 11.00
CA PHE I 318 -19.88 42.88 10.23
C PHE I 318 -19.11 41.65 10.68
N TYR I 319 -18.92 41.55 11.98
CA TYR I 319 -18.13 40.47 12.55
C TYR I 319 -18.93 39.17 12.43
N TRP I 320 -20.19 39.21 12.81
CA TRP I 320 -21.07 38.04 12.68
C TRP I 320 -20.94 37.40 11.29
N ARG I 321 -21.00 38.23 10.25
CA ARG I 321 -20.93 37.72 8.88
C ARG I 321 -19.60 37.05 8.59
N GLY I 322 -18.50 37.74 8.93
CA GLY I 322 -17.15 37.17 8.80
C GLY I 322 -17.00 35.76 9.33
N ILE I 323 -17.56 35.53 10.52
CA ILE I 323 -17.52 34.21 11.15
C ILE I 323 -18.45 33.25 10.44
N HIS I 324 -19.65 33.71 10.11
CA HIS I 324 -20.66 32.85 9.53
C HIS I 324 -20.43 32.55 8.04
N LYS I 325 -19.36 33.10 7.47
CA LYS I 325 -18.90 32.68 6.15
C LYS I 325 -18.19 31.32 6.16
N LEU I 326 -17.74 30.87 7.33
CA LEU I 326 -16.93 29.66 7.39
C LEU I 326 -17.58 28.50 6.63
N PRO I 327 -18.81 28.15 6.99
CA PRO I 327 -19.38 26.92 6.45
C PRO I 327 -19.41 26.91 4.92
N GLU I 328 -19.61 28.04 4.28
CA GLU I 328 -19.56 28.07 2.82
C GLU I 328 -18.11 27.99 2.34
N ARG I 329 -17.19 28.65 3.04
CA ARG I 329 -15.76 28.58 2.66
C ARG I 329 -15.26 27.13 2.78
N TRP I 330 -15.73 26.43 3.81
CA TRP I 330 -15.38 25.03 3.96
C TRP I 330 -15.95 24.22 2.80
N GLU I 331 -17.21 24.46 2.45
CA GLU I 331 -17.85 23.71 1.34
C GLU I 331 -17.12 23.93 0.02
N LYS I 332 -16.66 25.15 -0.21
CA LYS I 332 -15.86 25.41 -1.38
C LYS I 332 -14.56 24.64 -1.30
N CYS I 333 -13.87 24.76 -0.17
CA CYS I 333 -12.61 24.07 0.10
C CYS I 333 -12.67 22.57 -0.25
N VAL I 334 -13.62 21.84 0.35
CA VAL I 334 -13.80 20.42 0.03
C VAL I 334 -14.19 20.19 -1.45
N ALA I 335 -15.07 21.05 -1.98
CA ALA I 335 -15.47 20.97 -3.39
C ALA I 335 -14.29 21.19 -4.36
N SER I 336 -13.32 22.01 -3.99
CA SER I 336 -12.14 22.22 -4.81
C SER I 336 -11.12 21.11 -4.65
N ASP I 337 -11.46 20.07 -3.87
CA ASP I 337 -10.50 19.04 -3.46
C ASP I 337 -9.27 19.67 -2.82
N GLY I 338 -9.53 20.50 -1.82
CA GLY I 338 -8.49 21.18 -1.09
C GLY I 338 -7.63 22.14 -1.88
N LYS I 339 -8.06 22.54 -3.07
CA LYS I 339 -7.35 23.58 -3.80
C LYS I 339 -7.78 24.91 -3.22
N TYR I 340 -7.06 25.98 -3.54
CA TYR I 340 -7.56 27.31 -3.25
C TYR I 340 -8.72 27.58 -4.18
N PHE I 341 -9.72 28.29 -3.67
CA PHE I 341 -10.86 28.71 -4.45
C PHE I 341 -10.84 30.22 -4.54
N GLU I 342 -11.73 30.78 -5.35
CA GLU I 342 -11.89 32.23 -5.43
C GLU I 342 -12.43 32.82 -4.12
S SO4 J . 37.56 -25.21 -8.72
O1 SO4 J . 37.35 -26.04 -7.51
O2 SO4 J . 36.57 -25.62 -9.75
O3 SO4 J . 38.93 -25.41 -9.23
O4 SO4 J . 37.38 -23.77 -8.37
S SO4 K . 29.91 -33.00 -5.92
O1 SO4 K . 29.37 -33.70 -7.11
O2 SO4 K . 28.93 -33.05 -4.81
O3 SO4 K . 31.17 -33.65 -5.51
O4 SO4 K . 30.19 -31.59 -6.27
S SO4 L . 15.02 -27.92 37.09
O1 SO4 L . 15.22 -28.55 38.42
O2 SO4 L . 13.59 -27.62 36.92
O3 SO4 L . 15.48 -28.86 36.04
O4 SO4 L . 15.82 -26.67 37.02
#